data_8HJH
#
_entry.id   8HJH
#
_cell.length_a   78.255
_cell.length_b   76.795
_cell.length_c   82.110
_cell.angle_alpha   90.000
_cell.angle_beta   92.629
_cell.angle_gamma   90.000
#
_symmetry.space_group_name_H-M   'P 1 21 1'
#
loop_
_entity.id
_entity.type
_entity.pdbx_description
1 polymer glycosyltransferase
2 non-polymer (20S)-2,5,8,11,14,17-HEXAMETHYL-3,6,9,12,15,18-HEXAOXAHENICOSANE-1,20-DIOL
3 non-polymer (2S,3S,4S,5R,6R)-2-(hydroxymethyl)-6-[[(2S,3S,4S,5R,6S)-5-[(2S,3R,4S,5S,6S)-6-(hydroxymethyl)-3,4,5-tris(oxidanyl)oxan-2-yl]oxy-6-[(3R,6S)-6-[(3S,8S,9R,10R,11S,13R,14S,17R)-3-[(2S,3R,4S,5S,6S)-6-(hydroxymethyl)-3,4,5-tris(oxidanyl)oxan-2-yl]oxy-4,4,9,13,14-pentamethyl-11-oxidanyl-2,3,7,8,10,11,12,15,16,17-decahydro-1H-cyclopenta[a]phenanthren-17-yl]-2-methyl-2-oxidanyl-heptan-3-yl]oxy-3,4-bis(oxidanyl)oxan-2-yl]methoxy]oxane-3,4,5-triol
4 non-polymer "URIDINE-5'-DIPHOSPHATE"
5 non-polymer 2-AMINO-2-HYDROXYMETHYL-PROPANE-1,3-DIOL
6 water water
#
_entity_poly.entity_id   1
_entity_poly.type   'polypeptide(L)'
_entity_poly.pdbx_seq_one_letter_code
;MDAAQQGDTTTILMLPWLGYGHLSAFLELAKSLSRRNFHIYFCSTSVNLDAIKPKLPSSFSDSIQFVELHLPSSPEFPPH
LHTTNGLPPTLMPALHQAFSMAAQHFESILQTLAPHLLIYDSLQPWAPRVASSLKIPAINFNTTGVFWISQSLHPIHYPH
SKFPFSEFVLHNHWKAMYSTADGASTERTRKRGEAFLYCLHASCSVILINSFRELEGKYMDYLSVLLNKKVVPVGPLVYE
PNQDGEDEGYSSIKNWLDKKEPSSTVFVSFGSEYFPSKEEMEEIAHGLEASEVNFIWVVRFPQGDNTSGIEDALPKGFLE
RAGERGMVVKGWAPQAKILKHWSTGGFVSHCGWNSVMESMMFGVPIIGVPMHVDQPFNAGLVEEAGVGVEAKRDPDGKIQ
RDEVAKLIKEVVVEKTREDVRKKAREMSEILRSKGEEKFDEMVAEISLLLKIEHHHHHH
;
_entity_poly.pdbx_strand_id   A,B
#
# COMPACT_ATOMS: atom_id res chain seq x y z
N THR A 9 -4.79 -24.22 10.48
CA THR A 9 -4.66 -25.67 10.64
C THR A 9 -3.24 -26.06 10.13
N THR A 10 -2.75 -25.61 8.95
CA THR A 10 -1.33 -25.87 8.64
C THR A 10 -0.43 -24.94 9.45
N THR A 11 0.54 -25.52 10.15
CA THR A 11 1.40 -24.77 11.07
C THR A 11 2.82 -24.73 10.57
N ILE A 12 3.43 -23.56 10.71
CA ILE A 12 4.81 -23.34 10.32
C ILE A 12 5.56 -22.78 11.52
N LEU A 13 6.72 -23.32 11.83
CA LEU A 13 7.58 -22.71 12.84
C LEU A 13 8.71 -21.99 12.09
N MET A 14 9.02 -20.76 12.49
CA MET A 14 10.04 -19.94 11.82
C MET A 14 11.18 -19.69 12.79
N LEU A 15 12.41 -19.96 12.34
CA LEU A 15 13.61 -19.79 13.21
C LEU A 15 14.58 -18.82 12.54
N PRO A 16 14.47 -17.50 12.79
CA PRO A 16 15.42 -16.54 12.25
C PRO A 16 16.78 -16.57 12.97
N TRP A 17 17.81 -16.03 12.33
CA TRP A 17 19.11 -15.88 13.04
C TRP A 17 18.92 -14.77 14.09
N LEU A 18 19.70 -14.78 15.17
CA LEU A 18 19.50 -13.82 16.30
C LEU A 18 19.94 -12.39 15.95
N GLY A 19 19.62 -11.89 14.75
CA GLY A 19 19.96 -10.50 14.43
C GLY A 19 18.66 -9.79 14.13
N TYR A 20 18.58 -8.51 14.52
CA TYR A 20 17.35 -7.74 14.37
C TYR A 20 16.88 -7.65 12.90
N GLY A 21 17.83 -7.47 11.97
CA GLY A 21 17.44 -7.41 10.56
C GLY A 21 16.80 -8.71 10.14
N HIS A 22 17.35 -9.86 10.62
CA HIS A 22 16.84 -11.19 10.28
C HIS A 22 15.47 -11.40 10.89
N LEU A 23 15.33 -11.03 12.15
CA LEU A 23 14.02 -11.13 12.80
C LEU A 23 12.99 -10.32 12.03
N SER A 24 13.36 -9.11 11.61
CA SER A 24 12.42 -8.23 10.94
C SER A 24 11.96 -8.82 9.62
N ALA A 25 12.91 -9.37 8.82
CA ALA A 25 12.51 -9.98 7.55
C ALA A 25 11.64 -11.19 7.81
N PHE A 26 12.01 -12.03 8.80
CA PHE A 26 11.19 -13.19 9.12
C PHE A 26 9.79 -12.77 9.58
N LEU A 27 9.67 -11.68 10.36
CA LEU A 27 8.34 -11.26 10.83
C LEU A 27 7.45 -10.82 9.66
N GLU A 28 8.02 -10.08 8.72
CA GLU A 28 7.23 -9.70 7.55
C GLU A 28 6.79 -10.93 6.76
N LEU A 29 7.69 -11.93 6.59
CA LEU A 29 7.30 -13.16 5.91
C LEU A 29 6.21 -13.89 6.71
N ALA A 30 6.30 -13.88 8.04
CA ALA A 30 5.26 -14.52 8.86
C ALA A 30 3.89 -13.86 8.62
N LYS A 31 3.86 -12.54 8.55
CA LYS A 31 2.60 -11.88 8.31
C LYS A 31 2.00 -12.30 6.95
N SER A 32 2.85 -12.42 5.92
CA SER A 32 2.33 -12.81 4.60
C SER A 32 1.71 -14.21 4.66
N LEU A 33 2.37 -15.12 5.40
CA LEU A 33 1.87 -16.49 5.54
C LEU A 33 0.59 -16.53 6.38
N SER A 34 0.53 -15.68 7.42
CA SER A 34 -0.67 -15.57 8.24
C SER A 34 -1.86 -15.13 7.38
N ARG A 35 -1.62 -14.25 6.42
CA ARG A 35 -2.69 -13.81 5.54
C ARG A 35 -3.15 -14.93 4.61
N ARG A 36 -2.33 -15.99 4.50
CA ARG A 36 -2.66 -17.16 3.63
C ARG A 36 -3.21 -18.31 4.47
N ASN A 37 -3.71 -18.02 5.67
CA ASN A 37 -4.34 -19.00 6.56
C ASN A 37 -3.39 -19.98 7.24
N PHE A 38 -2.07 -19.75 7.21
CA PHE A 38 -1.13 -20.56 7.98
C PHE A 38 -1.09 -20.05 9.42
N HIS A 39 -0.84 -20.94 10.38
CA HIS A 39 -0.61 -20.55 11.79
C HIS A 39 0.91 -20.59 11.99
N ILE A 40 1.47 -19.52 12.57
CA ILE A 40 2.91 -19.35 12.68
C ILE A 40 3.40 -19.39 14.14
N TYR A 41 4.43 -20.20 14.39
CA TYR A 41 5.16 -20.18 15.65
C TYR A 41 6.45 -19.45 15.34
N PHE A 42 6.65 -18.28 15.93
CA PHE A 42 7.83 -17.46 15.67
C PHE A 42 8.80 -17.66 16.81
N CYS A 43 9.95 -18.28 16.53
CA CYS A 43 10.86 -18.75 17.58
C CYS A 43 12.16 -17.97 17.66
N SER A 44 12.45 -17.38 18.83
CA SER A 44 13.74 -16.71 18.99
C SER A 44 14.01 -16.52 20.49
N THR A 45 15.15 -15.94 20.81
CA THR A 45 15.47 -15.67 22.21
C THR A 45 14.57 -14.55 22.77
N SER A 46 14.42 -14.53 24.09
CA SER A 46 13.47 -13.57 24.69
C SER A 46 13.84 -12.14 24.35
N VAL A 47 15.13 -11.80 24.37
CA VAL A 47 15.53 -10.41 24.09
C VAL A 47 15.12 -10.01 22.67
N ASN A 48 15.27 -10.93 21.71
CA ASN A 48 14.84 -10.68 20.32
C ASN A 48 13.34 -10.62 20.21
N LEU A 49 12.63 -11.51 20.90
CA LEU A 49 11.18 -11.50 20.88
C LEU A 49 10.67 -10.16 21.42
N ASP A 50 11.27 -9.67 22.52
CA ASP A 50 10.82 -8.39 23.10
C ASP A 50 11.02 -7.25 22.11
N ALA A 51 12.16 -7.27 21.38
CA ALA A 51 12.47 -6.22 20.42
C ALA A 51 11.52 -6.24 19.23
N ILE A 52 11.06 -7.41 18.79
CA ILE A 52 10.28 -7.48 17.56
C ILE A 52 8.77 -7.39 17.81
N LYS A 53 8.29 -7.78 19.00
CA LYS A 53 6.85 -7.77 19.29
C LYS A 53 6.16 -6.46 18.98
N PRO A 54 6.69 -5.24 19.28
CA PRO A 54 5.94 -4.00 18.99
C PRO A 54 5.65 -3.84 17.50
N LYS A 55 6.31 -4.65 16.65
CA LYS A 55 6.13 -4.51 15.18
C LYS A 55 5.07 -5.47 14.67
N LEU A 56 4.48 -6.28 15.55
CA LEU A 56 3.38 -7.17 15.10
C LEU A 56 2.05 -6.53 15.50
N PRO A 57 1.19 -6.11 14.55
CA PRO A 57 -0.12 -5.57 14.88
C PRO A 57 -0.92 -6.62 15.68
N SER A 58 -1.74 -6.16 16.62
CA SER A 58 -2.49 -7.07 17.47
C SER A 58 -3.38 -8.01 16.66
N SER A 59 -3.83 -7.57 15.48
CA SER A 59 -4.71 -8.41 14.66
C SER A 59 -4.03 -9.76 14.33
N PHE A 60 -2.70 -9.81 14.36
CA PHE A 60 -2.00 -11.03 13.97
C PHE A 60 -1.78 -11.96 15.16
N SER A 61 -2.01 -11.47 16.38
CA SER A 61 -1.67 -12.28 17.59
C SER A 61 -2.24 -13.71 17.54
N ASP A 62 -3.49 -13.88 17.09
CA ASP A 62 -4.09 -15.23 17.10
C ASP A 62 -3.32 -16.16 16.14
N SER A 63 -3.04 -15.68 14.93
CA SER A 63 -2.30 -16.48 13.90
C SER A 63 -0.81 -16.63 14.22
N ILE A 64 -0.15 -15.57 14.72
CA ILE A 64 1.33 -15.62 14.92
C ILE A 64 1.61 -15.64 16.43
N GLN A 65 2.23 -16.72 16.91
CA GLN A 65 2.53 -16.85 18.36
C GLN A 65 4.05 -16.90 18.54
N PHE A 66 4.55 -16.24 19.58
CA PHE A 66 6.02 -16.19 19.84
C PHE A 66 6.42 -17.37 20.73
N VAL A 67 7.50 -18.06 20.37
CA VAL A 67 7.99 -19.22 21.16
C VAL A 67 9.41 -18.89 21.63
N GLU A 68 9.69 -19.04 22.93
CA GLU A 68 11.02 -18.63 23.44
C GLU A 68 12.05 -19.76 23.31
N LEU A 69 13.14 -19.51 22.59
CA LEU A 69 14.23 -20.48 22.51
C LEU A 69 15.23 -20.12 23.61
N HIS A 70 15.68 -21.09 24.40
CA HIS A 70 16.64 -20.81 25.45
C HIS A 70 18.05 -21.14 25.00
N LEU A 71 18.96 -20.17 25.16
CA LEU A 71 20.37 -20.41 24.92
C LEU A 71 21.04 -20.63 26.27
N PRO A 72 22.20 -21.27 26.31
CA PRO A 72 22.95 -21.37 27.58
C PRO A 72 23.21 -19.97 28.11
N SER A 73 23.06 -19.81 29.44
CA SER A 73 23.16 -18.50 30.06
C SER A 73 24.17 -18.50 31.22
N SER A 74 24.80 -17.37 31.46
CA SER A 74 25.74 -17.22 32.56
C SER A 74 25.80 -15.75 32.93
N PRO A 75 26.31 -15.41 34.12
CA PRO A 75 26.47 -13.98 34.46
C PRO A 75 27.32 -13.20 33.47
N GLU A 76 28.35 -13.81 32.91
CA GLU A 76 29.15 -13.14 31.87
C GLU A 76 28.41 -13.04 30.52
N PHE A 77 27.49 -13.95 30.24
CA PHE A 77 26.73 -13.93 28.98
C PHE A 77 25.24 -14.15 29.28
N PRO A 78 24.57 -13.17 29.89
CA PRO A 78 23.16 -13.32 30.29
C PRO A 78 22.19 -13.16 29.12
N PRO A 79 20.91 -13.51 29.31
CA PRO A 79 19.95 -13.49 28.20
C PRO A 79 19.77 -12.15 27.50
N HIS A 80 19.94 -11.00 28.17
CA HIS A 80 19.79 -9.74 27.42
C HIS A 80 20.83 -9.59 26.31
N LEU A 81 21.90 -10.37 26.32
CA LEU A 81 22.94 -10.30 25.29
C LEU A 81 22.75 -11.36 24.20
N HIS A 82 21.65 -12.11 24.22
CA HIS A 82 21.50 -13.20 23.26
C HIS A 82 20.93 -12.70 21.93
N THR A 83 21.60 -11.70 21.39
CA THR A 83 21.25 -11.06 20.12
C THR A 83 22.47 -10.36 19.57
N THR A 84 22.46 -10.10 18.29
CA THR A 84 23.56 -9.32 17.73
C THR A 84 23.29 -7.85 17.87
N ASN A 85 22.07 -7.50 18.26
CA ASN A 85 21.65 -6.11 18.36
C ASN A 85 22.44 -5.37 19.41
N GLY A 86 23.39 -4.55 18.98
CA GLY A 86 24.19 -3.81 19.94
C GLY A 86 25.24 -4.65 20.64
N LEU A 87 25.48 -5.87 20.17
CA LEU A 87 26.41 -6.79 20.82
C LEU A 87 27.85 -6.35 20.56
N PRO A 88 28.74 -6.34 21.57
CA PRO A 88 30.19 -6.11 21.30
C PRO A 88 30.66 -7.12 20.28
N PRO A 89 31.35 -6.71 19.20
CA PRO A 89 31.70 -7.70 18.16
C PRO A 89 32.47 -8.89 18.70
N THR A 90 33.29 -8.68 19.73
CA THR A 90 34.07 -9.75 20.30
C THR A 90 33.20 -10.82 20.97
N LEU A 91 31.91 -10.58 21.19
CA LEU A 91 31.01 -11.60 21.72
C LEU A 91 30.32 -12.38 20.60
N MET A 92 30.54 -12.03 19.33
CA MET A 92 29.88 -12.78 18.26
C MET A 92 30.26 -14.25 18.24
N PRO A 93 31.53 -14.65 18.45
CA PRO A 93 31.81 -16.11 18.51
C PRO A 93 31.01 -16.79 19.59
N ALA A 94 30.90 -16.19 20.76
CA ALA A 94 30.11 -16.79 21.82
C ALA A 94 28.64 -16.91 21.43
N LEU A 95 28.10 -15.88 20.77
CA LEU A 95 26.69 -15.93 20.40
C LEU A 95 26.45 -17.09 19.43
N HIS A 96 27.31 -17.20 18.41
CA HIS A 96 27.15 -18.31 17.45
C HIS A 96 27.24 -19.66 18.16
N GLN A 97 28.18 -19.79 19.10
CA GLN A 97 28.35 -21.05 19.81
C GLN A 97 27.14 -21.33 20.67
N ALA A 98 26.66 -20.33 21.39
CA ALA A 98 25.48 -20.51 22.22
C ALA A 98 24.27 -20.93 21.38
N PHE A 99 24.11 -20.33 20.20
CA PHE A 99 22.96 -20.67 19.37
C PHE A 99 23.00 -22.14 18.96
N SER A 100 24.18 -22.63 18.56
CA SER A 100 24.31 -24.06 18.20
C SER A 100 23.95 -24.93 19.41
N MET A 101 24.12 -24.39 20.62
CA MET A 101 23.86 -25.18 21.86
C MET A 101 22.37 -25.11 22.22
N ALA A 102 21.56 -24.42 21.43
CA ALA A 102 20.09 -24.37 21.67
C ALA A 102 19.40 -25.48 20.86
N ALA A 103 20.16 -26.32 20.16
CA ALA A 103 19.57 -27.36 19.28
C ALA A 103 18.69 -28.33 20.08
N GLN A 104 19.15 -28.73 21.28
CA GLN A 104 18.37 -29.71 22.09
C GLN A 104 17.02 -29.08 22.49
N HIS A 105 17.03 -27.82 22.91
CA HIS A 105 15.76 -27.13 23.27
C HIS A 105 14.89 -27.01 22.02
N PHE A 106 15.51 -26.70 20.87
CA PHE A 106 14.77 -26.55 19.60
C PHE A 106 14.10 -27.88 19.25
N GLU A 107 14.80 -29.00 19.46
CA GLU A 107 14.19 -30.33 19.19
C GLU A 107 12.98 -30.53 20.10
N SER A 108 13.12 -30.15 21.37
CA SER A 108 11.99 -30.27 22.33
C SER A 108 10.82 -29.39 21.86
N ILE A 109 11.12 -28.19 21.35
CA ILE A 109 10.05 -27.31 20.85
C ILE A 109 9.34 -27.98 19.66
N LEU A 110 10.12 -28.52 18.72
CA LEU A 110 9.51 -29.11 17.55
C LEU A 110 8.69 -30.34 17.94
N GLN A 111 9.13 -31.10 18.93
CA GLN A 111 8.42 -32.32 19.35
C GLN A 111 7.10 -31.94 20.00
N THR A 112 7.11 -30.83 20.74
CA THR A 112 5.91 -30.40 21.47
C THR A 112 4.92 -29.76 20.50
N LEU A 113 5.40 -28.88 19.63
CA LEU A 113 4.46 -28.16 18.76
C LEU A 113 4.13 -28.90 17.49
N ALA A 114 4.97 -29.85 17.07
CA ALA A 114 4.77 -30.68 15.88
C ALA A 114 4.30 -29.83 14.69
N PRO A 115 5.07 -28.84 14.28
CA PRO A 115 4.64 -28.00 13.14
C PRO A 115 4.75 -28.78 11.83
N HIS A 116 3.95 -28.37 10.84
CA HIS A 116 4.00 -29.07 9.58
C HIS A 116 5.23 -28.69 8.76
N LEU A 117 5.80 -27.54 9.03
CA LEU A 117 6.94 -27.02 8.27
C LEU A 117 7.83 -26.18 9.15
N LEU A 118 9.14 -26.19 8.84
CA LEU A 118 10.09 -25.29 9.54
C LEU A 118 10.70 -24.35 8.50
N ILE A 119 10.70 -23.05 8.76
CA ILE A 119 11.43 -22.11 7.86
C ILE A 119 12.64 -21.64 8.67
N TYR A 120 13.85 -21.87 8.18
CA TYR A 120 15.05 -21.57 9.00
C TYR A 120 15.99 -20.59 8.31
N ASP A 121 16.84 -19.92 9.09
CA ASP A 121 17.83 -18.95 8.54
C ASP A 121 19.08 -19.67 8.05
N SER A 122 20.01 -18.95 7.43
CA SER A 122 21.22 -19.56 6.83
C SER A 122 22.39 -19.66 7.80
N LEU A 123 22.19 -19.30 9.07
CA LEU A 123 23.29 -19.34 10.08
C LEU A 123 23.14 -20.53 11.03
N GLN A 124 22.25 -21.48 10.71
CA GLN A 124 21.98 -22.61 11.65
C GLN A 124 21.95 -23.96 10.91
N PRO A 125 23.09 -24.62 10.54
CA PRO A 125 23.00 -25.93 9.89
C PRO A 125 22.30 -26.98 10.74
N TRP A 126 22.39 -26.86 12.08
CA TRP A 126 21.72 -27.81 12.95
C TRP A 126 20.21 -27.82 12.76
N ALA A 127 19.59 -26.69 12.37
CA ALA A 127 18.11 -26.63 12.33
C ALA A 127 17.48 -27.60 11.33
N PRO A 128 17.88 -27.64 10.06
CA PRO A 128 17.28 -28.63 9.14
C PRO A 128 17.59 -30.05 9.59
N ARG A 129 18.74 -30.26 10.25
CA ARG A 129 19.06 -31.59 10.75
C ARG A 129 18.10 -32.03 11.86
N VAL A 130 17.79 -31.13 12.80
CA VAL A 130 16.80 -31.49 13.83
C VAL A 130 15.47 -31.78 13.15
N ALA A 131 15.07 -30.92 12.20
CA ALA A 131 13.77 -31.12 11.55
C ALA A 131 13.74 -32.47 10.82
N SER A 132 14.80 -32.79 10.09
CA SER A 132 14.80 -34.05 9.34
C SER A 132 14.67 -35.22 10.31
N SER A 133 15.31 -35.13 11.47
CA SER A 133 15.29 -36.22 12.44
C SER A 133 13.86 -36.47 12.91
N LEU A 134 13.01 -35.43 12.92
CA LEU A 134 11.64 -35.52 13.36
C LEU A 134 10.67 -35.65 12.19
N LYS A 135 11.18 -35.80 10.97
CA LYS A 135 10.36 -35.92 9.74
C LYS A 135 9.50 -34.66 9.50
N ILE A 136 10.05 -33.50 9.77
CA ILE A 136 9.41 -32.21 9.51
C ILE A 136 10.12 -31.59 8.32
N PRO A 137 9.42 -31.29 7.18
CA PRO A 137 10.05 -30.60 6.05
C PRO A 137 10.61 -29.25 6.47
N ALA A 138 11.79 -28.89 5.96
CA ALA A 138 12.43 -27.61 6.34
C ALA A 138 12.82 -26.81 5.10
N ILE A 139 12.48 -25.52 5.08
CA ILE A 139 12.83 -24.64 3.92
C ILE A 139 13.72 -23.50 4.42
N ASN A 140 14.79 -23.20 3.69
CA ASN A 140 15.73 -22.12 4.08
C ASN A 140 15.19 -20.79 3.58
N PHE A 141 15.07 -19.80 4.47
CA PHE A 141 14.69 -18.44 4.01
C PHE A 141 15.88 -17.52 4.26
N ASN A 142 16.45 -16.96 3.18
N ASN A 142 16.39 -16.89 3.20
CA ASN A 142 17.57 -16.00 3.34
CA ASN A 142 17.57 -16.01 3.33
C ASN A 142 16.98 -14.59 3.45
C ASN A 142 17.04 -14.58 3.42
N THR A 143 17.40 -13.85 4.47
CA THR A 143 16.88 -12.47 4.67
C THR A 143 17.68 -11.47 3.84
N THR A 144 18.82 -11.92 3.30
CA THR A 144 19.69 -11.02 2.50
C THR A 144 19.37 -11.16 1.02
N GLY A 145 20.07 -10.39 0.17
CA GLY A 145 19.89 -10.50 -1.29
C GLY A 145 20.74 -11.64 -1.86
N VAL A 146 20.71 -11.82 -3.18
CA VAL A 146 21.43 -12.98 -3.81
C VAL A 146 22.72 -12.53 -4.48
N PHE A 147 22.90 -11.24 -4.75
CA PHE A 147 24.08 -10.83 -5.54
C PHE A 147 25.36 -11.27 -4.84
N TRP A 148 25.45 -11.00 -3.52
CA TRP A 148 26.69 -11.34 -2.81
C TRP A 148 26.93 -12.85 -2.81
N ILE A 149 25.84 -13.64 -2.64
CA ILE A 149 25.98 -15.09 -2.62
C ILE A 149 26.45 -15.61 -3.98
N SER A 150 25.83 -15.14 -5.06
CA SER A 150 26.24 -15.62 -6.37
C SER A 150 27.71 -15.23 -6.62
N GLN A 151 28.10 -14.02 -6.20
CA GLN A 151 29.48 -13.56 -6.36
C GLN A 151 30.43 -14.43 -5.55
N SER A 152 30.04 -14.80 -4.34
CA SER A 152 30.88 -15.66 -3.50
C SER A 152 30.96 -17.08 -4.04
N LEU A 153 29.87 -17.58 -4.63
CA LEU A 153 29.88 -18.97 -5.12
C LEU A 153 30.54 -19.10 -6.49
N HIS A 154 30.52 -18.04 -7.30
CA HIS A 154 31.04 -18.17 -8.66
C HIS A 154 32.50 -18.61 -8.69
N PRO A 155 33.43 -18.05 -7.90
CA PRO A 155 34.85 -18.49 -7.99
C PRO A 155 35.07 -19.93 -7.62
N ILE A 156 34.18 -20.55 -6.83
CA ILE A 156 34.34 -21.98 -6.51
C ILE A 156 34.23 -22.81 -7.78
N HIS A 157 33.26 -22.49 -8.64
CA HIS A 157 33.09 -23.24 -9.87
C HIS A 157 33.93 -22.70 -11.02
N TYR A 158 34.22 -21.40 -11.04
CA TYR A 158 34.90 -20.75 -12.16
C TYR A 158 36.03 -19.86 -11.67
N PRO A 159 37.11 -20.49 -11.19
CA PRO A 159 38.22 -19.70 -10.58
C PRO A 159 38.95 -18.77 -11.53
N HIS A 160 38.97 -19.06 -12.84
CA HIS A 160 39.74 -18.27 -13.80
C HIS A 160 38.84 -17.45 -14.72
N SER A 161 37.59 -17.22 -14.31
CA SER A 161 36.60 -16.52 -15.11
C SER A 161 36.03 -15.34 -14.35
N LYS A 162 35.78 -14.27 -15.07
CA LYS A 162 35.16 -13.11 -14.45
C LYS A 162 33.69 -13.43 -14.13
N PHE A 163 33.17 -12.81 -13.05
CA PHE A 163 31.76 -12.99 -12.76
C PHE A 163 31.00 -12.43 -13.96
N PRO A 164 30.10 -13.18 -14.56
CA PRO A 164 29.28 -12.65 -15.66
C PRO A 164 28.08 -11.91 -15.09
N PHE A 165 27.45 -11.12 -15.92
CA PHE A 165 26.22 -10.45 -15.55
C PHE A 165 26.49 -9.23 -14.68
N SER A 166 27.75 -8.86 -14.38
CA SER A 166 27.94 -7.61 -13.65
C SER A 166 29.35 -7.05 -13.90
N GLU A 167 29.48 -5.73 -13.86
CA GLU A 167 30.78 -5.10 -13.98
C GLU A 167 31.32 -4.68 -12.61
N PHE A 168 30.65 -5.11 -11.54
CA PHE A 168 31.02 -4.69 -10.20
C PHE A 168 32.44 -5.16 -9.84
N VAL A 169 33.20 -4.32 -9.24
CA VAL A 169 34.52 -4.65 -8.67
C VAL A 169 34.60 -4.48 -7.13
N LEU A 170 34.89 -5.50 -6.47
CA LEU A 170 35.07 -5.38 -5.04
C LEU A 170 36.41 -4.69 -4.74
N HIS A 171 36.33 -3.59 -3.99
CA HIS A 171 37.55 -2.85 -3.57
C HIS A 171 38.51 -3.81 -2.84
N ASN A 172 39.81 -3.55 -2.96
CA ASN A 172 40.85 -4.41 -2.34
C ASN A 172 40.68 -4.49 -0.82
N HIS A 173 40.11 -3.45 -0.21
CA HIS A 173 39.95 -3.44 1.27
C HIS A 173 39.15 -4.69 1.66
N TRP A 174 38.07 -4.97 0.95
CA TRP A 174 37.28 -6.20 1.25
C TRP A 174 37.95 -7.47 0.67
N LYS A 175 38.55 -7.37 -0.52
CA LYS A 175 39.16 -8.57 -1.16
C LYS A 175 40.25 -9.08 -0.24
N ALA A 176 41.02 -8.17 0.37
CA ALA A 176 42.05 -8.54 1.36
C ALA A 176 41.44 -9.18 2.60
N MET A 177 40.34 -8.62 3.10
CA MET A 177 39.74 -9.12 4.37
C MET A 177 38.79 -10.28 4.07
N SER A 185 42.09 -17.60 10.02
CA SER A 185 42.42 -18.96 9.58
C SER A 185 41.70 -19.27 8.28
N THR A 186 42.44 -19.74 7.27
CA THR A 186 41.82 -20.03 5.99
C THR A 186 40.86 -21.19 6.11
N GLU A 187 41.24 -22.25 6.84
CA GLU A 187 40.35 -23.37 7.01
C GLU A 187 39.10 -22.90 7.74
N ARG A 188 39.27 -21.96 8.69
CA ARG A 188 38.12 -21.46 9.42
C ARG A 188 37.15 -20.72 8.51
N THR A 189 37.67 -19.90 7.59
CA THR A 189 36.81 -19.16 6.64
C THR A 189 36.07 -20.16 5.75
N ARG A 190 36.77 -21.20 5.29
CA ARG A 190 36.15 -22.22 4.39
C ARG A 190 35.00 -22.91 5.14
N LYS A 191 35.22 -23.26 6.40
CA LYS A 191 34.18 -23.98 7.19
C LYS A 191 32.95 -23.09 7.35
N ARG A 192 33.15 -21.80 7.63
CA ARG A 192 32.02 -20.85 7.78
C ARG A 192 31.22 -20.81 6.47
N GLY A 193 31.92 -20.74 5.34
CA GLY A 193 31.24 -20.72 4.03
C GLY A 193 30.50 -22.02 3.77
N GLU A 194 31.10 -23.16 4.13
CA GLU A 194 30.45 -24.49 3.92
C GLU A 194 29.18 -24.58 4.76
N ALA A 195 29.21 -24.08 5.99
CA ALA A 195 28.02 -24.11 6.87
C ALA A 195 26.92 -23.24 6.27
N PHE A 196 27.28 -22.05 5.76
CA PHE A 196 26.29 -21.18 5.13
C PHE A 196 25.69 -21.85 3.89
N LEU A 197 26.54 -22.41 3.03
CA LEU A 197 26.04 -23.03 1.81
C LEU A 197 25.21 -24.27 2.14
N TYR A 198 25.58 -25.00 3.20
CA TYR A 198 24.79 -26.19 3.56
C TYR A 198 23.35 -25.80 3.90
N CYS A 199 23.16 -24.67 4.60
CA CYS A 199 21.79 -24.28 4.95
C CYS A 199 20.96 -24.10 3.69
N LEU A 200 21.56 -23.49 2.65
CA LEU A 200 20.84 -23.34 1.37
C LEU A 200 20.65 -24.69 0.68
N HIS A 201 21.71 -25.45 0.59
CA HIS A 201 21.70 -26.74 -0.11
C HIS A 201 20.78 -27.74 0.56
N ALA A 202 20.70 -27.74 1.90
CA ALA A 202 19.87 -28.70 2.62
C ALA A 202 18.38 -28.40 2.51
N SER A 203 18.03 -27.22 2.01
CA SER A 203 16.63 -26.80 1.97
C SER A 203 15.80 -27.77 1.13
N CYS A 204 14.55 -28.02 1.56
CA CYS A 204 13.68 -28.96 0.86
C CYS A 204 13.07 -28.25 -0.36
N SER A 205 13.50 -28.66 -1.54
CA SER A 205 12.96 -28.28 -2.85
C SER A 205 13.27 -26.87 -3.35
N VAL A 206 13.14 -25.87 -2.48
CA VAL A 206 13.32 -24.49 -2.86
C VAL A 206 14.06 -23.74 -1.76
N ILE A 207 14.68 -22.64 -2.14
CA ILE A 207 15.29 -21.65 -1.22
C ILE A 207 14.45 -20.38 -1.37
N LEU A 208 14.02 -19.80 -0.25
CA LEU A 208 13.27 -18.53 -0.29
C LEU A 208 14.27 -17.39 -0.10
N ILE A 209 14.14 -16.33 -0.90
CA ILE A 209 15.12 -15.21 -0.83
C ILE A 209 14.36 -13.88 -0.70
N ASN A 210 14.86 -12.97 0.14
CA ASN A 210 14.22 -11.64 0.30
C ASN A 210 14.72 -10.75 -0.84
N SER A 211 14.19 -10.92 -2.04
CA SER A 211 14.66 -10.14 -3.21
C SER A 211 13.57 -10.08 -4.28
N PHE A 212 13.76 -9.25 -5.31
CA PHE A 212 12.78 -9.13 -6.41
C PHE A 212 13.51 -9.24 -7.76
N ARG A 213 12.84 -9.80 -8.77
CA ARG A 213 13.49 -10.05 -10.09
C ARG A 213 13.95 -8.75 -10.76
N GLU A 214 13.21 -7.65 -10.64
CA GLU A 214 13.62 -6.43 -11.35
C GLU A 214 15.03 -6.00 -10.94
N LEU A 215 15.44 -6.28 -9.70
CA LEU A 215 16.74 -5.91 -9.19
C LEU A 215 17.76 -7.04 -9.32
N GLU A 216 17.35 -8.30 -9.09
CA GLU A 216 18.31 -9.40 -9.02
C GLU A 216 17.93 -10.62 -9.83
N GLY A 217 17.05 -10.51 -10.82
CA GLY A 217 16.60 -11.73 -11.50
C GLY A 217 17.70 -12.56 -12.14
N LYS A 218 18.66 -11.91 -12.81
CA LYS A 218 19.77 -12.64 -13.44
C LYS A 218 20.62 -13.36 -12.40
N TYR A 219 20.84 -12.69 -11.26
CA TYR A 219 21.64 -13.28 -10.19
C TYR A 219 20.93 -14.46 -9.54
N MET A 220 19.61 -14.34 -9.33
CA MET A 220 18.84 -15.45 -8.78
C MET A 220 18.94 -16.66 -9.69
N ASP A 221 18.79 -16.45 -10.99
CA ASP A 221 18.87 -17.57 -11.95
C ASP A 221 20.26 -18.21 -11.93
N TYR A 222 21.31 -17.38 -11.86
CA TYR A 222 22.67 -17.92 -11.80
C TYR A 222 22.88 -18.72 -10.52
N LEU A 223 22.39 -18.20 -9.38
CA LEU A 223 22.51 -18.96 -8.14
C LEU A 223 21.79 -20.29 -8.25
N SER A 224 20.61 -20.27 -8.86
CA SER A 224 19.81 -21.49 -8.99
C SER A 224 20.56 -22.56 -9.78
N VAL A 225 21.24 -22.17 -10.87
CA VAL A 225 22.03 -23.12 -11.65
C VAL A 225 23.18 -23.68 -10.83
N LEU A 226 23.92 -22.80 -10.15
CA LEU A 226 25.11 -23.22 -9.37
C LEU A 226 24.71 -24.21 -8.27
N LEU A 227 23.63 -23.92 -7.55
CA LEU A 227 23.21 -24.79 -6.41
C LEU A 227 22.35 -25.95 -6.90
N ASN A 228 21.90 -25.91 -8.15
CA ASN A 228 20.96 -26.95 -8.68
C ASN A 228 19.73 -26.98 -7.76
N LYS A 229 19.29 -25.80 -7.30
CA LYS A 229 18.11 -25.70 -6.41
C LYS A 229 17.23 -24.55 -6.91
N LYS A 230 15.90 -24.70 -6.82
CA LYS A 230 15.00 -23.60 -7.21
C LYS A 230 15.11 -22.44 -6.21
N VAL A 231 15.26 -21.21 -6.71
CA VAL A 231 15.35 -20.01 -5.87
C VAL A 231 14.04 -19.25 -6.06
N VAL A 232 13.30 -19.01 -4.99
CA VAL A 232 11.98 -18.37 -5.07
C VAL A 232 12.07 -17.00 -4.38
N PRO A 233 11.90 -15.91 -5.10
CA PRO A 233 11.88 -14.59 -4.46
C PRO A 233 10.56 -14.33 -3.70
N VAL A 234 10.68 -13.71 -2.53
CA VAL A 234 9.48 -13.36 -1.75
C VAL A 234 9.57 -11.89 -1.35
N GLY A 235 10.51 -11.13 -1.92
CA GLY A 235 10.74 -9.75 -1.52
C GLY A 235 10.17 -8.68 -2.43
N PRO A 236 10.37 -7.40 -2.08
CA PRO A 236 11.06 -7.00 -0.84
C PRO A 236 10.06 -7.06 0.35
N LEU A 237 10.55 -7.43 1.52
CA LEU A 237 9.74 -7.50 2.76
C LEU A 237 10.06 -6.24 3.58
N VAL A 238 9.18 -5.26 3.55
CA VAL A 238 9.47 -3.97 4.17
C VAL A 238 8.43 -3.68 5.24
N TYR A 239 8.89 -3.42 6.44
CA TYR A 239 7.97 -3.10 7.51
C TYR A 239 7.57 -1.64 7.43
N GLU A 240 6.27 -1.40 7.53
CA GLU A 240 5.78 -0.02 7.58
C GLU A 240 4.93 0.14 8.84
N PRO A 241 5.24 1.11 9.69
CA PRO A 241 4.57 1.28 10.98
C PRO A 241 3.31 2.11 10.90
N GLY A 249 9.94 8.14 20.21
CA GLY A 249 10.76 9.32 20.04
C GLY A 249 10.46 10.10 18.78
N TYR A 250 9.52 9.59 17.97
CA TYR A 250 9.27 10.22 16.67
C TYR A 250 8.71 11.65 16.79
N SER A 251 7.89 11.95 17.81
CA SER A 251 7.26 13.27 17.89
C SER A 251 8.31 14.39 17.81
N SER A 252 9.37 14.29 18.59
CA SER A 252 10.43 15.29 18.57
C SER A 252 11.10 15.34 17.20
N ILE A 253 11.41 14.18 16.64
CA ILE A 253 12.10 14.14 15.36
C ILE A 253 11.21 14.73 14.26
N LYS A 254 9.93 14.38 14.28
CA LYS A 254 9.03 14.89 13.24
C LYS A 254 8.96 16.42 13.33
N ASN A 255 8.94 16.96 14.54
CA ASN A 255 8.84 18.42 14.69
C ASN A 255 10.05 19.11 14.06
N TRP A 256 11.23 18.54 14.28
CA TRP A 256 12.45 19.08 13.66
C TRP A 256 12.41 18.92 12.13
N LEU A 257 11.99 17.74 11.63
CA LEU A 257 11.94 17.52 10.19
C LEU A 257 10.95 18.47 9.54
N ASP A 258 9.86 18.79 10.26
CA ASP A 258 8.80 19.68 9.77
C ASP A 258 9.31 21.09 9.50
N LYS A 259 10.41 21.49 10.15
CA LYS A 259 11.03 22.79 9.95
C LYS A 259 11.95 22.84 8.74
N LYS A 260 12.24 21.71 8.10
CA LYS A 260 13.16 21.63 6.97
C LYS A 260 12.45 21.71 5.64
N GLU A 261 13.22 22.00 4.59
CA GLU A 261 12.65 22.02 3.23
C GLU A 261 12.45 20.60 2.70
N PRO A 262 11.59 20.40 1.69
CA PRO A 262 11.41 19.06 1.13
C PRO A 262 12.71 18.44 0.57
N SER A 263 12.90 17.15 0.83
CA SER A 263 14.06 16.42 0.27
C SER A 263 15.37 17.11 0.57
N SER A 264 15.53 17.60 1.80
CA SER A 264 16.71 18.35 2.18
C SER A 264 17.55 17.70 3.25
N THR A 265 17.03 16.61 3.85
CA THR A 265 17.71 15.99 5.01
C THR A 265 18.20 14.58 4.66
N VAL A 266 19.34 14.19 5.22
CA VAL A 266 19.84 12.81 5.01
C VAL A 266 19.74 12.04 6.34
N PHE A 267 19.18 10.83 6.30
CA PHE A 267 19.20 9.99 7.52
C PHE A 267 20.52 9.23 7.50
N VAL A 268 21.23 9.19 8.63
CA VAL A 268 22.54 8.50 8.70
C VAL A 268 22.40 7.32 9.68
N SER A 269 22.69 6.10 9.21
CA SER A 269 22.53 4.91 10.07
C SER A 269 23.45 3.79 9.62
N PHE A 270 24.01 3.05 10.59
CA PHE A 270 24.93 1.92 10.26
C PHE A 270 24.33 0.61 10.76
N GLY A 271 23.00 0.56 10.95
CA GLY A 271 22.34 -0.70 11.31
C GLY A 271 22.37 -1.03 12.80
N SER A 272 21.98 -2.26 13.14
CA SER A 272 21.90 -2.67 14.57
C SER A 272 23.11 -3.50 15.00
N GLU A 273 24.00 -3.84 14.06
CA GLU A 273 25.13 -4.76 14.41
C GLU A 273 26.50 -4.10 14.24
N TYR A 274 26.58 -2.81 13.90
CA TYR A 274 27.91 -2.24 13.62
C TYR A 274 28.16 -0.94 14.39
N PHE A 275 29.37 -0.77 14.93
CA PHE A 275 29.73 0.47 15.61
C PHE A 275 30.90 1.05 14.85
N PRO A 276 30.72 2.12 14.09
CA PRO A 276 31.87 2.70 13.40
C PRO A 276 32.94 3.19 14.37
N SER A 277 34.18 3.07 13.92
CA SER A 277 35.29 3.52 14.74
C SER A 277 35.32 5.05 14.82
N LYS A 278 36.13 5.57 15.73
CA LYS A 278 36.25 7.05 15.89
C LYS A 278 36.70 7.67 14.56
N GLU A 279 37.70 7.05 13.92
CA GLU A 279 38.24 7.59 12.63
C GLU A 279 37.14 7.56 11.55
N GLU A 280 36.36 6.48 11.51
CA GLU A 280 35.24 6.39 10.52
C GLU A 280 34.24 7.50 10.81
N MET A 281 33.84 7.66 12.08
CA MET A 281 32.87 8.70 12.42
C MET A 281 33.42 10.08 12.09
N GLU A 282 34.73 10.28 12.26
CA GLU A 282 35.32 11.58 11.91
C GLU A 282 35.10 11.89 10.43
N GLU A 283 35.35 10.91 9.55
CA GLU A 283 35.19 11.13 8.10
C GLU A 283 33.73 11.40 7.75
N ILE A 284 32.82 10.63 8.34
CA ILE A 284 31.41 10.87 8.07
C ILE A 284 31.00 12.25 8.56
N ALA A 285 31.44 12.61 9.76
CA ALA A 285 31.01 13.88 10.35
C ALA A 285 31.50 15.04 9.51
N HIS A 286 32.77 15.02 9.12
CA HIS A 286 33.32 16.08 8.29
C HIS A 286 32.66 16.12 6.91
N GLY A 287 32.30 14.96 6.35
CA GLY A 287 31.58 14.96 5.09
C GLY A 287 30.22 15.63 5.22
N LEU A 288 29.51 15.31 6.30
CA LEU A 288 28.20 15.93 6.53
C LEU A 288 28.35 17.43 6.68
N GLU A 289 29.38 17.85 7.45
CA GLU A 289 29.58 19.26 7.70
C GLU A 289 29.88 20.00 6.39
N ALA A 290 30.80 19.46 5.57
CA ALA A 290 31.18 20.13 4.33
C ALA A 290 30.00 20.23 3.37
N SER A 291 29.15 19.21 3.34
CA SER A 291 28.02 19.21 2.40
C SER A 291 27.00 20.31 2.72
N GLU A 292 26.88 20.70 4.01
CA GLU A 292 25.91 21.70 4.50
C GLU A 292 24.48 21.18 4.50
N VAL A 293 24.34 19.87 4.44
CA VAL A 293 23.04 19.22 4.41
C VAL A 293 22.42 19.21 5.81
N ASN A 294 21.11 19.05 5.86
CA ASN A 294 20.43 18.76 7.12
C ASN A 294 20.61 17.26 7.37
N PHE A 295 20.80 16.84 8.63
CA PHE A 295 21.03 15.41 8.86
C PHE A 295 20.50 14.96 10.23
N ILE A 296 19.98 13.74 10.27
CA ILE A 296 19.62 13.05 11.51
C ILE A 296 20.51 11.82 11.53
N TRP A 297 21.31 11.69 12.57
CA TRP A 297 22.31 10.61 12.68
C TRP A 297 22.10 9.81 13.96
N VAL A 298 21.92 8.50 13.83
CA VAL A 298 21.77 7.61 14.98
C VAL A 298 23.16 7.11 15.37
N VAL A 299 23.57 7.43 16.59
CA VAL A 299 24.87 7.03 17.11
C VAL A 299 24.62 6.05 18.25
N ARG A 300 25.34 4.93 18.24
CA ARG A 300 25.12 3.86 19.20
C ARG A 300 26.42 3.42 19.85
N PHE A 301 26.26 2.81 21.02
CA PHE A 301 27.41 2.24 21.74
C PHE A 301 27.05 0.82 22.17
N PRO A 302 28.02 -0.10 22.26
CA PRO A 302 27.67 -1.51 22.58
C PRO A 302 27.04 -1.64 23.96
N GLN A 303 26.19 -2.65 24.10
CA GLN A 303 25.52 -2.91 25.38
C GLN A 303 26.59 -3.08 26.45
N GLY A 304 26.40 -2.40 27.60
CA GLY A 304 27.36 -2.41 28.68
C GLY A 304 28.33 -1.26 28.69
N ASP A 305 28.39 -0.49 27.60
CA ASP A 305 29.35 0.63 27.51
C ASP A 305 28.68 1.89 28.05
N ASN A 306 28.72 2.09 29.36
CA ASN A 306 28.13 3.32 29.97
C ASN A 306 29.23 4.38 30.12
N THR A 307 30.45 4.04 29.70
CA THR A 307 31.61 4.98 29.83
C THR A 307 31.83 5.78 28.54
N SER A 308 30.93 5.64 27.55
CA SER A 308 31.16 6.29 26.24
C SER A 308 30.01 7.25 25.94
N GLY A 309 30.26 8.32 25.17
CA GLY A 309 29.22 9.33 24.95
C GLY A 309 29.30 9.97 23.57
N ILE A 310 28.23 10.67 23.16
CA ILE A 310 28.16 11.23 21.80
C ILE A 310 29.30 12.21 21.56
N GLU A 311 29.52 13.08 22.53
CA GLU A 311 30.54 14.10 22.37
C GLU A 311 31.91 13.46 22.20
N ASP A 312 32.14 12.39 22.94
CA ASP A 312 33.39 11.65 22.84
C ASP A 312 33.57 11.03 21.45
N ALA A 313 32.51 10.45 20.88
CA ALA A 313 32.62 9.71 19.62
C ALA A 313 32.65 10.63 18.39
N LEU A 314 32.22 11.86 18.53
CA LEU A 314 32.11 12.80 17.42
C LEU A 314 33.23 13.84 17.49
N PRO A 315 33.67 14.40 16.37
CA PRO A 315 34.74 15.40 16.39
C PRO A 315 34.37 16.60 17.27
N LYS A 316 35.39 17.27 17.81
CA LYS A 316 35.14 18.41 18.75
C LYS A 316 34.44 19.57 18.02
N GLY A 317 33.30 20.01 18.55
CA GLY A 317 32.61 21.19 17.99
C GLY A 317 31.76 20.87 16.77
N PHE A 318 31.68 19.60 16.37
CA PHE A 318 30.95 19.26 15.11
C PHE A 318 29.46 19.61 15.24
N LEU A 319 28.83 19.23 16.35
CA LEU A 319 27.39 19.52 16.55
C LEU A 319 27.17 21.03 16.70
N GLU A 320 28.07 21.71 17.41
CA GLU A 320 27.95 23.18 17.58
C GLU A 320 28.11 23.87 16.22
N ARG A 321 29.00 23.37 15.36
CA ARG A 321 29.12 23.97 14.01
C ARG A 321 27.86 23.68 13.19
N ALA A 322 27.33 22.45 13.28
CA ALA A 322 26.14 22.06 12.49
C ALA A 322 24.94 22.89 12.93
N GLY A 323 24.76 23.11 14.23
CA GLY A 323 23.61 23.88 14.74
C GLY A 323 22.27 23.26 14.37
N GLU A 324 21.36 24.07 13.82
CA GLU A 324 20.00 23.59 13.47
C GLU A 324 20.06 22.49 12.40
N ARG A 325 21.08 22.52 11.53
CA ARG A 325 21.19 21.53 10.43
C ARG A 325 21.31 20.11 10.98
N GLY A 326 21.98 19.92 12.12
CA GLY A 326 22.24 18.54 12.59
C GLY A 326 21.47 18.08 13.80
N MET A 327 21.10 16.79 13.82
CA MET A 327 20.43 16.18 15.00
C MET A 327 21.04 14.78 15.21
N VAL A 328 21.52 14.48 16.41
CA VAL A 328 22.05 13.15 16.70
C VAL A 328 21.04 12.44 17.60
N VAL A 329 20.69 11.21 17.24
CA VAL A 329 19.73 10.42 18.00
C VAL A 329 20.55 9.31 18.64
N LYS A 330 20.41 9.11 19.94
CA LYS A 330 21.23 8.12 20.64
C LYS A 330 20.54 6.76 20.61
N GLY A 331 21.29 5.74 20.25
CA GLY A 331 20.80 4.37 20.35
C GLY A 331 19.91 3.81 19.26
N TRP A 332 18.75 4.40 19.00
CA TRP A 332 17.81 3.82 18.04
C TRP A 332 16.88 4.91 17.53
N ALA A 333 16.51 4.86 16.24
CA ALA A 333 15.62 5.83 15.63
C ALA A 333 14.51 5.11 14.88
N PRO A 334 13.34 5.81 14.65
CA PRO A 334 12.26 5.23 13.84
C PRO A 334 12.64 5.41 12.37
N GLN A 335 13.41 4.46 11.88
CA GLN A 335 13.99 4.61 10.54
C GLN A 335 12.93 4.74 9.45
N ALA A 336 11.92 3.88 9.46
CA ALA A 336 10.93 3.90 8.38
C ALA A 336 10.20 5.22 8.37
N LYS A 337 9.79 5.68 9.56
CA LYS A 337 9.04 6.92 9.62
C LYS A 337 9.89 8.08 9.11
N ILE A 338 11.18 8.12 9.47
CA ILE A 338 12.07 9.18 8.98
C ILE A 338 12.25 9.11 7.47
N LEU A 339 12.47 7.90 6.94
CA LEU A 339 12.69 7.76 5.49
C LEU A 339 11.45 8.20 4.74
N LYS A 340 10.25 8.00 5.32
CA LYS A 340 9.01 8.37 4.64
C LYS A 340 8.69 9.86 4.75
N HIS A 341 9.36 10.60 5.63
CA HIS A 341 9.10 12.02 5.78
C HIS A 341 9.44 12.80 4.50
N TRP A 342 8.58 13.76 4.15
CA TRP A 342 8.77 14.58 2.93
C TRP A 342 10.11 15.34 2.96
N SER A 343 10.60 15.67 4.14
CA SER A 343 11.89 16.42 4.30
C SER A 343 13.11 15.55 3.96
N THR A 344 12.96 14.22 3.97
CA THR A 344 14.13 13.34 3.76
C THR A 344 14.44 13.22 2.25
N GLY A 345 15.67 13.56 1.85
CA GLY A 345 16.07 13.46 0.44
C GLY A 345 17.16 12.44 0.19
N GLY A 346 17.76 11.90 1.25
CA GLY A 346 18.88 10.97 1.08
C GLY A 346 19.06 10.04 2.27
N PHE A 347 19.72 8.91 2.06
CA PHE A 347 20.02 7.99 3.19
C PHE A 347 21.51 7.64 3.16
N VAL A 348 22.27 8.09 4.15
CA VAL A 348 23.69 7.65 4.24
C VAL A 348 23.60 6.31 4.97
N SER A 349 23.83 5.22 4.26
CA SER A 349 23.56 3.89 4.88
C SER A 349 24.73 2.93 4.78
N HIS A 350 24.88 2.06 5.78
CA HIS A 350 25.89 1.02 5.68
C HIS A 350 25.49 -0.03 4.65
N CYS A 351 24.30 0.15 4.05
CA CYS A 351 23.84 -0.77 2.98
C CYS A 351 23.44 -2.15 3.50
N GLY A 352 22.91 -2.22 4.73
CA GLY A 352 22.35 -3.50 5.19
C GLY A 352 21.17 -3.79 4.30
N TRP A 353 20.86 -5.06 4.03
CA TRP A 353 19.81 -5.37 3.02
C TRP A 353 18.45 -4.77 3.41
N ASN A 354 18.04 -4.87 4.66
CA ASN A 354 16.69 -4.37 5.02
C ASN A 354 16.65 -2.86 4.78
N SER A 355 17.72 -2.15 5.14
CA SER A 355 17.79 -0.68 4.94
C SER A 355 17.73 -0.35 3.45
N VAL A 356 18.43 -1.11 2.61
CA VAL A 356 18.42 -0.88 1.14
C VAL A 356 17.00 -1.10 0.59
N MET A 357 16.35 -2.18 1.02
CA MET A 357 14.97 -2.49 0.53
C MET A 357 14.00 -1.40 0.99
N GLU A 358 14.13 -0.95 2.23
CA GLU A 358 13.24 0.12 2.76
C GLU A 358 13.47 1.39 1.93
N SER A 359 14.73 1.74 1.72
CA SER A 359 15.02 2.98 1.00
C SER A 359 14.47 2.89 -0.42
N MET A 360 14.61 1.71 -1.06
CA MET A 360 14.07 1.57 -2.41
C MET A 360 12.55 1.65 -2.38
N MET A 361 11.90 1.00 -1.40
CA MET A 361 10.43 1.08 -1.32
C MET A 361 9.95 2.51 -1.13
N PHE A 362 10.67 3.29 -0.31
CA PHE A 362 10.24 4.64 0.04
C PHE A 362 10.74 5.68 -0.96
N GLY A 363 11.56 5.26 -1.92
CA GLY A 363 12.03 6.18 -2.98
C GLY A 363 13.10 7.14 -2.48
N VAL A 364 13.83 6.75 -1.44
CA VAL A 364 14.91 7.61 -0.90
C VAL A 364 16.24 7.17 -1.52
N PRO A 365 16.98 8.07 -2.22
CA PRO A 365 18.28 7.72 -2.78
C PRO A 365 19.27 7.35 -1.68
N ILE A 366 20.12 6.35 -1.94
CA ILE A 366 21.06 5.86 -0.89
C ILE A 366 22.48 6.37 -1.16
N ILE A 367 23.12 6.97 -0.16
CA ILE A 367 24.57 7.31 -0.31
C ILE A 367 25.25 6.15 0.41
N GLY A 368 25.93 5.28 -0.34
CA GLY A 368 26.45 4.05 0.30
C GLY A 368 27.74 4.22 1.08
N VAL A 369 27.73 3.80 2.35
CA VAL A 369 28.98 3.79 3.16
C VAL A 369 29.09 2.34 3.68
N PRO A 370 29.23 1.29 2.82
CA PRO A 370 29.23 -0.09 3.31
C PRO A 370 30.37 -0.39 4.27
N MET A 371 30.16 -1.35 5.16
CA MET A 371 31.19 -1.63 6.14
C MET A 371 31.74 -3.04 5.97
N HIS A 372 30.92 -4.09 5.97
CA HIS A 372 31.50 -5.42 5.88
C HIS A 372 30.42 -6.40 5.42
N VAL A 373 30.78 -7.68 5.37
CA VAL A 373 29.95 -8.80 4.95
C VAL A 373 29.27 -8.50 3.60
N ASP A 374 27.94 -8.59 3.52
CA ASP A 374 27.32 -8.39 2.22
C ASP A 374 27.21 -6.93 1.82
N GLN A 375 27.46 -5.99 2.73
CA GLN A 375 27.23 -4.58 2.43
C GLN A 375 27.95 -4.07 1.18
N PRO A 376 29.26 -4.29 0.97
CA PRO A 376 29.90 -3.80 -0.26
C PRO A 376 29.17 -4.25 -1.52
N PHE A 377 28.73 -5.51 -1.52
CA PHE A 377 28.00 -6.00 -2.69
C PHE A 377 26.68 -5.30 -2.84
N ASN A 378 25.96 -5.10 -1.73
CA ASN A 378 24.70 -4.39 -1.78
C ASN A 378 24.92 -2.97 -2.32
N ALA A 379 25.99 -2.31 -1.89
CA ALA A 379 26.24 -0.96 -2.39
C ALA A 379 26.49 -0.97 -3.89
N GLY A 380 27.22 -1.98 -4.36
CA GLY A 380 27.47 -2.08 -5.79
C GLY A 380 26.20 -2.34 -6.57
N LEU A 381 25.28 -3.12 -5.98
CA LEU A 381 24.02 -3.36 -6.68
C LEU A 381 23.18 -2.09 -6.75
N VAL A 382 23.16 -1.33 -5.66
CA VAL A 382 22.45 -0.05 -5.62
C VAL A 382 23.01 0.87 -6.69
N GLU A 383 24.34 0.92 -6.80
CA GLU A 383 25.00 1.78 -7.82
C GLU A 383 24.62 1.29 -9.22
N GLU A 384 24.63 -0.03 -9.44
CA GLU A 384 24.30 -0.62 -10.77
C GLU A 384 22.85 -0.30 -11.14
N ALA A 385 21.93 -0.40 -10.18
CA ALA A 385 20.50 -0.09 -10.42
C ALA A 385 20.34 1.38 -10.82
N GLY A 386 21.19 2.25 -10.28
CA GLY A 386 21.08 3.70 -10.56
C GLY A 386 20.18 4.40 -9.56
N VAL A 387 19.74 3.67 -8.53
CA VAL A 387 18.82 4.24 -7.51
C VAL A 387 19.64 4.91 -6.40
N GLY A 388 20.96 4.79 -6.45
CA GLY A 388 21.82 5.35 -5.40
C GLY A 388 23.27 5.46 -5.83
N VAL A 389 24.15 5.92 -4.93
CA VAL A 389 25.56 6.11 -5.25
C VAL A 389 26.37 5.49 -4.13
N GLU A 390 27.62 5.18 -4.40
CA GLU A 390 28.47 4.63 -3.35
C GLU A 390 29.63 5.57 -3.05
N ALA A 391 29.84 5.91 -1.78
CA ALA A 391 31.05 6.68 -1.45
C ALA A 391 32.23 5.69 -1.46
N LYS A 392 33.19 5.89 -2.36
CA LYS A 392 34.31 4.96 -2.50
C LYS A 392 35.34 5.12 -1.39
N ARG A 393 35.91 4.01 -0.94
CA ARG A 393 37.02 4.06 0.00
C ARG A 393 38.31 4.41 -0.73
N ASP A 394 39.27 4.99 0.00
CA ASP A 394 40.54 5.36 -0.62
C ASP A 394 41.41 4.12 -0.76
N PRO A 395 42.59 4.20 -1.42
CA PRO A 395 43.36 2.97 -1.63
C PRO A 395 43.76 2.25 -0.36
N ASP A 396 43.88 2.95 0.76
CA ASP A 396 44.22 2.33 2.03
C ASP A 396 42.98 1.79 2.73
N GLY A 397 41.84 1.89 2.09
CA GLY A 397 40.63 1.32 2.64
C GLY A 397 39.86 2.17 3.60
N LYS A 398 40.12 3.48 3.61
CA LYS A 398 39.45 4.38 4.54
C LYS A 398 38.28 5.11 3.89
N ILE A 399 37.28 5.44 4.69
CA ILE A 399 36.20 6.27 4.21
C ILE A 399 36.76 7.66 3.96
N GLN A 400 36.24 8.36 2.96
CA GLN A 400 36.73 9.67 2.61
C GLN A 400 35.68 10.76 2.84
N ARG A 401 36.03 11.76 3.66
CA ARG A 401 35.09 12.84 3.94
C ARG A 401 34.73 13.56 2.65
N ASP A 402 35.70 13.68 1.72
CA ASP A 402 35.43 14.38 0.47
C ASP A 402 34.42 13.65 -0.39
N GLU A 403 34.48 12.31 -0.40
CA GLU A 403 33.51 11.51 -1.17
C GLU A 403 32.12 11.68 -0.57
N VAL A 404 32.03 11.60 0.75
CA VAL A 404 30.73 11.69 1.43
C VAL A 404 30.14 13.07 1.17
N ALA A 405 30.96 14.11 1.31
CA ALA A 405 30.46 15.47 1.07
C ALA A 405 30.02 15.64 -0.38
N LYS A 406 30.83 15.16 -1.32
CA LYS A 406 30.54 15.33 -2.74
C LYS A 406 29.23 14.65 -3.14
N LEU A 407 29.03 13.40 -2.70
CA LEU A 407 27.81 12.68 -3.08
C LEU A 407 26.56 13.28 -2.44
N ILE A 408 26.64 13.69 -1.16
CA ILE A 408 25.50 14.35 -0.53
C ILE A 408 25.17 15.63 -1.26
N LYS A 409 26.19 16.39 -1.61
CA LYS A 409 25.96 17.66 -2.27
C LYS A 409 25.23 17.42 -3.62
N GLU A 410 25.72 16.43 -4.42
CA GLU A 410 25.17 16.09 -5.75
C GLU A 410 23.78 15.48 -5.68
N VAL A 411 23.52 14.67 -4.65
CA VAL A 411 22.22 13.93 -4.63
C VAL A 411 21.16 14.73 -3.87
N VAL A 412 21.52 15.37 -2.74
CA VAL A 412 20.47 16.03 -1.91
C VAL A 412 20.56 17.56 -1.95
N VAL A 413 21.72 18.13 -1.65
CA VAL A 413 21.81 19.63 -1.54
C VAL A 413 21.59 20.32 -2.89
N GLU A 414 22.27 19.86 -3.95
CA GLU A 414 22.15 20.58 -5.25
C GLU A 414 21.30 19.77 -6.23
N LYS A 415 21.11 18.48 -5.95
CA LYS A 415 20.27 17.61 -6.81
C LYS A 415 20.77 17.67 -8.26
N THR A 416 22.09 17.67 -8.46
CA THR A 416 22.66 17.66 -9.83
C THR A 416 22.49 16.25 -10.41
N ARG A 417 22.38 15.24 -9.54
CA ARG A 417 22.14 13.85 -10.02
C ARG A 417 20.63 13.60 -10.11
N GLU A 418 19.96 14.21 -11.11
CA GLU A 418 18.50 14.03 -11.28
C GLU A 418 18.21 12.60 -11.74
N ASP A 419 19.16 12.00 -12.49
CA ASP A 419 18.98 10.63 -12.97
C ASP A 419 18.79 9.65 -11.80
N VAL A 420 19.59 9.82 -10.74
CA VAL A 420 19.47 8.95 -9.58
C VAL A 420 18.10 9.17 -8.91
N ARG A 421 17.70 10.43 -8.76
CA ARG A 421 16.41 10.71 -8.08
C ARG A 421 15.27 10.10 -8.91
N LYS A 422 15.34 10.22 -10.24
CA LYS A 422 14.28 9.67 -11.13
C LYS A 422 14.24 8.13 -11.01
N LYS A 423 15.41 7.49 -11.01
CA LYS A 423 15.47 6.00 -10.92
C LYS A 423 14.90 5.55 -9.58
N ALA A 424 15.21 6.29 -8.51
CA ALA A 424 14.71 5.92 -7.16
C ALA A 424 13.18 6.01 -7.14
N ARG A 425 12.62 7.06 -7.74
CA ARG A 425 11.14 7.20 -7.79
C ARG A 425 10.55 6.05 -8.61
N GLU A 426 11.16 5.73 -9.75
CA GLU A 426 10.63 4.65 -10.63
C GLU A 426 10.69 3.32 -9.87
N MET A 427 11.78 3.07 -9.16
CA MET A 427 11.92 1.80 -8.39
C MET A 427 10.84 1.76 -7.31
N SER A 428 10.61 2.88 -6.62
CA SER A 428 9.57 2.91 -5.59
C SER A 428 8.21 2.62 -6.22
N GLU A 429 7.95 3.18 -7.40
CA GLU A 429 6.68 2.95 -8.05
C GLU A 429 6.50 1.47 -8.35
N ILE A 430 7.55 0.81 -8.85
CA ILE A 430 7.46 -0.63 -9.13
C ILE A 430 7.19 -1.43 -7.86
N LEU A 431 7.95 -1.13 -6.81
CA LEU A 431 7.83 -1.89 -5.57
C LEU A 431 6.46 -1.70 -4.94
N ARG A 432 5.92 -0.47 -4.99
CA ARG A 432 4.62 -0.17 -4.41
C ARG A 432 3.51 -0.85 -5.18
N SER A 433 3.75 -1.19 -6.44
CA SER A 433 2.72 -1.78 -7.29
C SER A 433 2.48 -3.25 -7.00
N LYS A 434 3.36 -3.90 -6.23
CA LYS A 434 3.27 -5.34 -6.01
C LYS A 434 2.35 -5.59 -4.82
N GLY A 435 1.56 -6.66 -4.90
CA GLY A 435 0.64 -7.01 -3.80
C GLY A 435 0.91 -8.41 -3.27
N GLU A 436 -0.14 -9.14 -2.88
CA GLU A 436 0.03 -10.48 -2.26
C GLU A 436 0.47 -11.52 -3.30
N GLU A 437 0.39 -11.18 -4.58
CA GLU A 437 0.78 -12.12 -5.67
C GLU A 437 2.25 -12.49 -5.54
N LYS A 438 3.07 -11.63 -4.93
CA LYS A 438 4.52 -11.89 -4.82
C LYS A 438 4.76 -13.16 -3.97
N PHE A 439 3.80 -13.52 -3.12
CA PHE A 439 3.95 -14.72 -2.25
C PHE A 439 3.33 -15.98 -2.90
N ASP A 440 2.76 -15.86 -4.09
CA ASP A 440 2.05 -17.02 -4.70
C ASP A 440 3.02 -18.19 -4.93
N GLU A 441 4.22 -17.91 -5.45
CA GLU A 441 5.16 -19.01 -5.79
C GLU A 441 5.55 -19.76 -4.50
N MET A 442 5.82 -19.02 -3.42
CA MET A 442 6.22 -19.66 -2.14
C MET A 442 5.07 -20.53 -1.63
N VAL A 443 3.84 -20.01 -1.70
CA VAL A 443 2.67 -20.78 -1.16
C VAL A 443 2.51 -22.06 -1.98
N ALA A 444 2.65 -21.96 -3.30
CA ALA A 444 2.46 -23.14 -4.15
C ALA A 444 3.54 -24.19 -3.83
N GLU A 445 4.78 -23.73 -3.67
CA GLU A 445 5.88 -24.67 -3.35
C GLU A 445 5.66 -25.32 -1.98
N ILE A 446 5.21 -24.52 -1.01
CA ILE A 446 4.94 -25.08 0.35
C ILE A 446 3.85 -26.16 0.22
N SER A 447 2.78 -25.86 -0.53
CA SER A 447 1.66 -26.82 -0.64
C SER A 447 2.14 -28.13 -1.28
N LEU A 448 2.93 -28.02 -2.35
CA LEU A 448 3.44 -29.24 -3.04
C LEU A 448 4.33 -30.04 -2.09
N LEU A 449 5.23 -29.35 -1.37
CA LEU A 449 6.18 -30.09 -0.49
C LEU A 449 5.39 -30.83 0.59
N LEU A 450 4.40 -30.18 1.19
CA LEU A 450 3.63 -30.81 2.29
C LEU A 450 2.85 -32.01 1.74
N LYS A 451 2.28 -31.89 0.54
CA LYS A 451 1.52 -33.02 -0.06
C LYS A 451 2.45 -34.21 -0.34
N ILE A 452 3.65 -33.95 -0.87
CA ILE A 452 4.63 -35.04 -1.15
C ILE A 452 5.06 -35.70 0.16
N GLU A 453 5.39 -34.88 1.17
CA GLU A 453 5.87 -35.42 2.47
C GLU A 453 4.74 -36.21 3.14
N HIS A 454 3.51 -35.72 3.03
CA HIS A 454 2.35 -36.45 3.60
C HIS A 454 2.34 -37.89 3.09
N HIS A 455 2.53 -38.08 1.77
CA HIS A 455 2.57 -39.45 1.26
C HIS A 455 3.75 -40.24 1.85
N HIS A 456 4.95 -39.64 1.85
CA HIS A 456 6.16 -40.38 2.27
C HIS A 456 6.09 -40.79 3.72
N HIS A 457 5.33 -40.08 4.54
CA HIS A 457 5.26 -40.42 5.94
C HIS A 457 3.81 -40.68 6.34
N THR B 9 -16.77 -20.40 6.25
CA THR B 9 -18.03 -21.03 6.63
C THR B 9 -19.11 -19.92 6.80
N THR B 10 -18.78 -18.72 7.32
CA THR B 10 -19.79 -17.66 7.38
C THR B 10 -19.95 -16.99 6.01
N THR B 11 -21.17 -16.99 5.50
CA THR B 11 -21.44 -16.51 4.14
C THR B 11 -22.23 -15.20 4.17
N ILE B 12 -21.85 -14.28 3.28
CA ILE B 12 -22.54 -13.00 3.14
C ILE B 12 -22.96 -12.85 1.68
N LEU B 13 -24.20 -12.49 1.42
CA LEU B 13 -24.61 -12.15 0.05
C LEU B 13 -24.67 -10.62 -0.03
N MET B 14 -24.07 -10.05 -1.07
CA MET B 14 -24.01 -8.57 -1.21
C MET B 14 -24.82 -8.14 -2.42
N LEU B 15 -25.76 -7.21 -2.22
CA LEU B 15 -26.60 -6.73 -3.35
C LEU B 15 -26.35 -5.23 -3.54
N PRO B 16 -25.47 -4.83 -4.47
CA PRO B 16 -25.27 -3.42 -4.78
C PRO B 16 -26.38 -2.87 -5.68
N TRP B 17 -26.51 -1.54 -5.73
CA TRP B 17 -27.46 -0.95 -6.72
C TRP B 17 -26.83 -1.17 -8.09
N LEU B 18 -27.62 -1.14 -9.17
CA LEU B 18 -27.08 -1.47 -10.52
C LEU B 18 -26.32 -0.27 -11.10
N GLY B 19 -25.35 0.25 -10.35
CA GLY B 19 -24.52 1.37 -10.83
C GLY B 19 -23.05 1.00 -10.71
N TYR B 20 -22.25 1.29 -11.73
CA TYR B 20 -20.82 0.87 -11.71
C TYR B 20 -20.14 1.35 -10.42
N GLY B 21 -20.35 2.62 -10.04
CA GLY B 21 -19.69 3.12 -8.84
C GLY B 21 -20.11 2.33 -7.60
N HIS B 22 -21.37 1.89 -7.59
CA HIS B 22 -21.89 1.09 -6.44
C HIS B 22 -21.26 -0.30 -6.46
N LEU B 23 -21.17 -0.93 -7.63
CA LEU B 23 -20.58 -2.30 -7.74
C LEU B 23 -19.13 -2.22 -7.28
N SER B 24 -18.43 -1.15 -7.68
CA SER B 24 -16.99 -0.98 -7.31
C SER B 24 -16.82 -0.95 -5.79
N ALA B 25 -17.54 -0.06 -5.10
CA ALA B 25 -17.38 0.08 -3.63
C ALA B 25 -17.74 -1.25 -2.97
N PHE B 26 -18.81 -1.89 -3.45
CA PHE B 26 -19.24 -3.19 -2.88
C PHE B 26 -18.15 -4.25 -3.08
N LEU B 27 -17.51 -4.24 -4.26
CA LEU B 27 -16.46 -5.25 -4.54
C LEU B 27 -15.27 -5.04 -3.60
N GLU B 28 -14.89 -3.78 -3.37
CA GLU B 28 -13.76 -3.48 -2.44
C GLU B 28 -14.14 -3.96 -1.03
N LEU B 29 -15.40 -3.74 -0.63
CA LEU B 29 -15.85 -4.22 0.70
C LEU B 29 -15.86 -5.76 0.70
N ALA B 30 -16.26 -6.38 -0.40
CA ALA B 30 -16.23 -7.85 -0.46
C ALA B 30 -14.79 -8.36 -0.31
N LYS B 31 -13.83 -7.69 -0.94
CA LYS B 31 -12.44 -8.14 -0.76
C LYS B 31 -12.01 -8.04 0.71
N SER B 32 -12.43 -6.97 1.39
CA SER B 32 -12.07 -6.80 2.82
C SER B 32 -12.65 -7.97 3.64
N LEU B 33 -13.92 -8.30 3.42
CA LEU B 33 -14.59 -9.42 4.16
C LEU B 33 -13.93 -10.76 3.81
N SER B 34 -13.53 -10.95 2.55
CA SER B 34 -12.87 -12.21 2.13
C SER B 34 -11.55 -12.37 2.91
N ARG B 35 -10.85 -11.25 3.14
CA ARG B 35 -9.58 -11.31 3.93
C ARG B 35 -9.92 -11.61 5.39
N ARG B 36 -11.19 -11.45 5.78
CA ARG B 36 -11.62 -11.77 7.16
C ARG B 36 -12.20 -13.19 7.19
N ASN B 37 -11.93 -13.99 6.15
CA ASN B 37 -12.36 -15.42 6.11
C ASN B 37 -13.86 -15.59 5.85
N PHE B 38 -14.54 -14.54 5.39
CA PHE B 38 -15.98 -14.68 5.02
C PHE B 38 -16.09 -15.14 3.56
N HIS B 39 -17.10 -15.96 3.23
CA HIS B 39 -17.35 -16.34 1.84
C HIS B 39 -18.43 -15.38 1.34
N ILE B 40 -18.23 -14.81 0.15
CA ILE B 40 -19.09 -13.74 -0.38
C ILE B 40 -19.81 -14.20 -1.64
N TYR B 41 -21.11 -13.97 -1.69
CA TYR B 41 -21.90 -14.12 -2.91
C TYR B 41 -22.17 -12.70 -3.39
N PHE B 42 -21.63 -12.37 -4.56
CA PHE B 42 -21.75 -11.01 -5.10
C PHE B 42 -22.84 -11.05 -6.15
N CYS B 43 -23.96 -10.36 -5.89
CA CYS B 43 -25.16 -10.53 -6.72
C CYS B 43 -25.49 -9.29 -7.51
N SER B 44 -25.56 -9.41 -8.85
CA SER B 44 -26.00 -8.28 -9.66
C SER B 44 -26.41 -8.81 -11.03
N THR B 45 -26.85 -7.91 -11.91
CA THR B 45 -27.23 -8.27 -13.29
C THR B 45 -25.98 -8.68 -14.06
N SER B 46 -26.16 -9.52 -15.08
CA SER B 46 -25.00 -10.06 -15.80
C SER B 46 -24.16 -8.95 -16.42
N VAL B 47 -24.80 -7.90 -16.95
CA VAL B 47 -24.04 -6.83 -17.57
C VAL B 47 -23.14 -6.15 -16.53
N ASN B 48 -23.64 -5.96 -15.30
CA ASN B 48 -22.82 -5.40 -14.22
C ASN B 48 -21.73 -6.36 -13.78
N LEU B 49 -22.06 -7.65 -13.67
CA LEU B 49 -21.07 -8.66 -13.23
C LEU B 49 -19.90 -8.66 -14.22
N ASP B 50 -20.20 -8.62 -15.52
CA ASP B 50 -19.14 -8.66 -16.56
C ASP B 50 -18.26 -7.41 -16.43
N ALA B 51 -18.86 -6.25 -16.18
CA ALA B 51 -18.09 -4.99 -16.04
C ALA B 51 -17.14 -5.04 -14.84
N ILE B 52 -17.57 -5.61 -13.71
CA ILE B 52 -16.74 -5.57 -12.47
C ILE B 52 -15.79 -6.78 -12.38
N LYS B 53 -15.95 -7.77 -13.26
CA LYS B 53 -15.13 -9.02 -13.20
C LYS B 53 -13.62 -8.74 -13.36
N PRO B 54 -13.14 -7.85 -14.25
CA PRO B 54 -11.71 -7.56 -14.35
C PRO B 54 -11.11 -7.01 -13.05
N LYS B 55 -11.90 -6.26 -12.26
CA LYS B 55 -11.40 -5.64 -11.01
C LYS B 55 -11.12 -6.70 -9.92
N LEU B 56 -11.63 -7.92 -10.08
CA LEU B 56 -11.45 -8.96 -9.04
C LEU B 56 -10.19 -9.80 -9.33
N PRO B 57 -9.07 -9.71 -8.57
CA PRO B 57 -7.92 -10.60 -8.79
C PRO B 57 -8.33 -12.06 -8.64
N SER B 58 -7.68 -12.93 -9.43
CA SER B 58 -8.06 -14.35 -9.43
C SER B 58 -7.89 -14.96 -8.03
N SER B 59 -7.00 -14.41 -7.21
CA SER B 59 -6.77 -14.97 -5.87
C SER B 59 -8.09 -15.00 -5.06
N PHE B 60 -9.04 -14.09 -5.35
CA PHE B 60 -10.29 -13.97 -4.61
C PHE B 60 -11.41 -14.85 -5.16
N SER B 61 -11.21 -15.45 -6.32
CA SER B 61 -12.32 -16.17 -6.94
C SER B 61 -12.80 -17.38 -6.14
N ASP B 62 -11.95 -17.92 -5.28
CA ASP B 62 -12.37 -19.01 -4.40
C ASP B 62 -13.42 -18.55 -3.38
N SER B 63 -13.29 -17.32 -2.89
CA SER B 63 -14.10 -16.82 -1.79
C SER B 63 -15.09 -15.76 -2.16
N ILE B 64 -15.01 -15.27 -3.40
CA ILE B 64 -16.00 -14.26 -3.88
C ILE B 64 -16.63 -14.83 -5.15
N GLN B 65 -17.87 -15.27 -5.06
CA GLN B 65 -18.54 -15.92 -6.22
C GLN B 65 -19.64 -14.99 -6.75
N PHE B 66 -19.68 -14.80 -8.07
CA PHE B 66 -20.70 -13.91 -8.68
C PHE B 66 -22.02 -14.67 -8.86
N VAL B 67 -23.14 -14.03 -8.49
CA VAL B 67 -24.48 -14.68 -8.62
C VAL B 67 -25.34 -13.77 -9.50
N GLU B 68 -25.90 -14.30 -10.59
CA GLU B 68 -26.67 -13.44 -11.50
C GLU B 68 -28.08 -13.22 -10.98
N LEU B 69 -28.48 -11.93 -10.92
CA LEU B 69 -29.85 -11.55 -10.61
C LEU B 69 -30.53 -11.26 -11.95
N HIS B 70 -31.71 -11.83 -12.17
CA HIS B 70 -32.45 -11.62 -13.41
C HIS B 70 -33.51 -10.54 -13.26
N LEU B 71 -33.48 -9.54 -14.17
CA LEU B 71 -34.53 -8.53 -14.18
C LEU B 71 -35.49 -8.88 -15.30
N PRO B 72 -36.73 -8.40 -15.26
CA PRO B 72 -37.62 -8.59 -16.42
C PRO B 72 -36.93 -8.04 -17.67
N SER B 73 -37.05 -8.77 -18.78
CA SER B 73 -36.37 -8.43 -20.03
C SER B 73 -37.35 -8.33 -21.19
N SER B 74 -37.01 -7.51 -22.19
CA SER B 74 -37.82 -7.32 -23.38
C SER B 74 -36.90 -6.87 -24.52
N PRO B 75 -37.35 -7.00 -25.79
CA PRO B 75 -36.55 -6.45 -26.90
C PRO B 75 -36.23 -4.97 -26.75
N GLU B 76 -37.12 -4.20 -26.12
CA GLU B 76 -36.91 -2.78 -25.92
C GLU B 76 -36.10 -2.49 -24.66
N PHE B 77 -36.10 -3.39 -23.69
CA PHE B 77 -35.26 -3.27 -22.49
C PHE B 77 -34.52 -4.57 -22.24
N PRO B 78 -33.51 -4.89 -23.04
CA PRO B 78 -32.78 -6.18 -22.94
C PRO B 78 -31.71 -6.16 -21.85
N PRO B 79 -31.21 -7.35 -21.43
CA PRO B 79 -30.18 -7.45 -20.36
C PRO B 79 -29.00 -6.48 -20.45
N HIS B 80 -28.47 -6.20 -21.66
CA HIS B 80 -27.30 -5.32 -21.72
C HIS B 80 -27.61 -3.91 -21.23
N LEU B 81 -28.88 -3.54 -21.06
CA LEU B 81 -29.26 -2.23 -20.53
C LEU B 81 -29.59 -2.29 -19.03
N HIS B 82 -29.37 -3.44 -18.37
CA HIS B 82 -29.74 -3.58 -16.96
C HIS B 82 -28.66 -3.01 -16.05
N THR B 83 -28.28 -1.76 -16.29
CA THR B 83 -27.28 -1.04 -15.52
C THR B 83 -27.48 0.43 -15.77
N THR B 84 -26.93 1.25 -14.87
CA THR B 84 -26.97 2.69 -15.12
C THR B 84 -25.78 3.13 -15.99
N ASN B 85 -24.81 2.25 -16.21
CA ASN B 85 -23.56 2.56 -16.89
C ASN B 85 -23.88 2.87 -18.36
N GLY B 86 -23.75 4.15 -18.75
CA GLY B 86 -24.01 4.55 -20.13
C GLY B 86 -25.48 4.50 -20.49
N LEU B 87 -26.40 4.43 -19.45
CA LEU B 87 -27.82 4.28 -19.72
C LEU B 87 -28.42 5.63 -20.13
N PRO B 88 -29.26 5.69 -21.17
CA PRO B 88 -29.95 6.95 -21.46
C PRO B 88 -30.73 7.34 -20.22
N PRO B 89 -30.66 8.61 -19.78
CA PRO B 89 -31.35 8.98 -18.53
C PRO B 89 -32.83 8.72 -18.52
N THR B 90 -33.50 8.80 -19.67
CA THR B 90 -34.93 8.53 -19.74
C THR B 90 -35.28 7.06 -19.46
N LEU B 91 -34.30 6.15 -19.46
CA LEU B 91 -34.59 4.77 -19.07
C LEU B 91 -34.37 4.54 -17.56
N MET B 92 -33.93 5.57 -16.80
CA MET B 92 -33.71 5.33 -15.38
C MET B 92 -34.98 4.90 -14.65
N PRO B 93 -36.15 5.50 -14.90
CA PRO B 93 -37.37 4.98 -14.23
C PRO B 93 -37.63 3.53 -14.55
N ALA B 94 -37.44 3.11 -15.79
CA ALA B 94 -37.61 1.69 -16.16
C ALA B 94 -36.64 0.80 -15.35
N LEU B 95 -35.38 1.23 -15.21
CA LEU B 95 -34.38 0.37 -14.51
C LEU B 95 -34.79 0.16 -13.05
N HIS B 96 -35.24 1.22 -12.37
CA HIS B 96 -35.64 1.10 -10.95
C HIS B 96 -36.84 0.15 -10.83
N GLN B 97 -37.81 0.28 -11.76
CA GLN B 97 -39.01 -0.58 -11.73
C GLN B 97 -38.59 -2.04 -11.95
N ALA B 98 -37.70 -2.28 -12.91
CA ALA B 98 -37.24 -3.66 -13.22
C ALA B 98 -36.51 -4.23 -12.00
N PHE B 99 -35.69 -3.41 -11.34
CA PHE B 99 -34.92 -3.87 -10.16
C PHE B 99 -35.90 -4.30 -9.05
N SER B 100 -36.95 -3.52 -8.85
CA SER B 100 -37.96 -3.85 -7.81
C SER B 100 -38.64 -5.18 -8.17
N MET B 101 -38.88 -5.43 -9.45
CA MET B 101 -39.57 -6.67 -9.90
C MET B 101 -38.65 -7.89 -9.75
N ALA B 102 -37.35 -7.68 -9.52
CA ALA B 102 -36.40 -8.79 -9.34
C ALA B 102 -36.47 -9.36 -7.91
N ALA B 103 -37.36 -8.85 -7.06
CA ALA B 103 -37.43 -9.28 -5.64
C ALA B 103 -37.73 -10.78 -5.55
N GLN B 104 -38.62 -11.29 -6.41
CA GLN B 104 -38.99 -12.72 -6.38
C GLN B 104 -37.77 -13.58 -6.71
N HIS B 105 -37.00 -13.21 -7.73
CA HIS B 105 -35.76 -13.97 -8.05
C HIS B 105 -34.78 -13.85 -6.89
N PHE B 106 -34.70 -12.66 -6.28
CA PHE B 106 -33.77 -12.44 -5.14
C PHE B 106 -34.17 -13.37 -3.98
N GLU B 107 -35.47 -13.52 -3.74
CA GLU B 107 -35.95 -14.42 -2.66
C GLU B 107 -35.51 -15.86 -2.97
N SER B 108 -35.65 -16.27 -4.24
CA SER B 108 -35.24 -17.65 -4.63
C SER B 108 -33.73 -17.82 -4.43
N ILE B 109 -32.95 -16.79 -4.76
CA ILE B 109 -31.47 -16.84 -4.57
C ILE B 109 -31.17 -17.01 -3.08
N LEU B 110 -31.81 -16.19 -2.23
CA LEU B 110 -31.56 -16.28 -0.78
C LEU B 110 -32.01 -17.64 -0.25
N GLN B 111 -33.12 -18.17 -0.78
CA GLN B 111 -33.57 -19.48 -0.32
C GLN B 111 -32.54 -20.54 -0.70
N THR B 112 -32.00 -20.46 -1.92
CA THR B 112 -31.06 -21.46 -2.41
C THR B 112 -29.73 -21.40 -1.70
N LEU B 113 -29.20 -20.20 -1.56
CA LEU B 113 -27.86 -20.04 -0.99
C LEU B 113 -27.86 -19.97 0.53
N ALA B 114 -28.97 -19.52 1.14
CA ALA B 114 -29.11 -19.44 2.59
C ALA B 114 -27.91 -18.74 3.22
N PRO B 115 -27.57 -17.54 2.78
CA PRO B 115 -26.43 -16.85 3.38
C PRO B 115 -26.74 -16.44 4.81
N HIS B 116 -25.69 -16.35 5.64
CA HIS B 116 -25.84 -15.91 7.02
C HIS B 116 -26.20 -14.44 7.14
N LEU B 117 -25.80 -13.63 6.16
CA LEU B 117 -26.00 -12.19 6.22
C LEU B 117 -26.24 -11.64 4.84
N LEU B 118 -27.06 -10.57 4.77
CA LEU B 118 -27.24 -9.87 3.47
C LEU B 118 -26.70 -8.44 3.65
N ILE B 119 -25.85 -7.98 2.73
CA ILE B 119 -25.43 -6.55 2.77
C ILE B 119 -26.10 -5.90 1.56
N TYR B 120 -26.91 -4.86 1.77
CA TYR B 120 -27.70 -4.32 0.64
C TYR B 120 -27.47 -2.81 0.47
N ASP B 121 -27.70 -2.32 -0.75
CA ASP B 121 -27.51 -0.87 -1.04
C ASP B 121 -28.75 -0.08 -0.63
N SER B 122 -28.72 1.23 -0.84
CA SER B 122 -29.78 2.11 -0.36
C SER B 122 -30.86 2.42 -1.40
N LEU B 123 -30.92 1.65 -2.48
CA LEU B 123 -31.92 1.91 -3.54
C LEU B 123 -32.85 0.70 -3.66
N GLN B 124 -32.86 -0.18 -2.65
CA GLN B 124 -33.67 -1.42 -2.71
C GLN B 124 -34.41 -1.66 -1.38
N PRO B 125 -35.53 -0.96 -1.09
CA PRO B 125 -36.27 -1.13 0.16
C PRO B 125 -36.77 -2.58 0.29
N TRP B 126 -37.07 -3.21 -0.85
CA TRP B 126 -37.53 -4.63 -0.87
C TRP B 126 -36.49 -5.60 -0.32
N ALA B 127 -35.19 -5.33 -0.53
CA ALA B 127 -34.15 -6.33 -0.14
C ALA B 127 -34.13 -6.63 1.36
N PRO B 128 -34.16 -5.67 2.30
CA PRO B 128 -34.24 -6.00 3.73
C PRO B 128 -35.54 -6.75 4.03
N ARG B 129 -36.63 -6.37 3.35
CA ARG B 129 -37.94 -7.04 3.55
C ARG B 129 -37.84 -8.53 3.16
N VAL B 130 -37.27 -8.84 2.00
CA VAL B 130 -37.13 -10.24 1.62
C VAL B 130 -36.25 -10.95 2.63
N ALA B 131 -35.14 -10.33 3.05
CA ALA B 131 -34.27 -10.99 4.02
C ALA B 131 -35.01 -11.28 5.34
N SER B 132 -35.76 -10.31 5.84
CA SER B 132 -36.41 -10.52 7.13
C SER B 132 -37.43 -11.65 7.03
N SER B 133 -38.12 -11.76 5.88
CA SER B 133 -39.10 -12.84 5.71
C SER B 133 -38.42 -14.20 5.80
N LEU B 134 -37.15 -14.30 5.40
CA LEU B 134 -36.40 -15.56 5.46
C LEU B 134 -35.55 -15.68 6.72
N LYS B 135 -35.68 -14.73 7.64
CA LYS B 135 -34.95 -14.72 8.92
C LYS B 135 -33.43 -14.60 8.70
N ILE B 136 -33.04 -13.83 7.70
CA ILE B 136 -31.64 -13.54 7.39
C ILE B 136 -31.37 -12.10 7.81
N PRO B 137 -30.41 -11.88 8.72
CA PRO B 137 -30.05 -10.53 9.14
C PRO B 137 -29.54 -9.72 7.96
N ALA B 138 -29.88 -8.42 7.92
CA ALA B 138 -29.51 -7.58 6.78
C ALA B 138 -28.95 -6.25 7.22
N ILE B 139 -27.80 -5.87 6.65
CA ILE B 139 -27.13 -4.58 7.00
C ILE B 139 -27.03 -3.72 5.74
N ASN B 140 -27.36 -2.43 5.87
CA ASN B 140 -27.29 -1.49 4.72
C ASN B 140 -25.86 -0.99 4.56
N PHE B 141 -25.33 -1.02 3.34
CA PHE B 141 -23.99 -0.41 3.11
C PHE B 141 -24.16 0.77 2.16
N ASN B 142 -23.75 1.97 2.58
CA ASN B 142 -23.83 3.17 1.69
C ASN B 142 -22.51 3.34 0.94
N THR B 143 -22.56 3.39 -0.39
CA THR B 143 -21.32 3.58 -1.21
C THR B 143 -20.92 5.06 -1.28
N THR B 144 -21.81 5.96 -0.85
CA THR B 144 -21.53 7.37 -0.90
C THR B 144 -20.97 7.80 0.46
N GLY B 145 -20.66 9.08 0.60
CA GLY B 145 -20.26 9.64 1.87
C GLY B 145 -21.51 10.03 2.64
N VAL B 146 -21.31 10.71 3.75
CA VAL B 146 -22.44 10.98 4.63
C VAL B 146 -22.87 12.45 4.63
N PHE B 147 -22.04 13.36 4.15
CA PHE B 147 -22.32 14.80 4.25
C PHE B 147 -23.66 15.14 3.61
N TRP B 148 -23.89 14.63 2.39
CA TRP B 148 -25.13 14.95 1.67
C TRP B 148 -26.35 14.39 2.41
N ILE B 149 -26.22 13.20 3.01
CA ILE B 149 -27.33 12.61 3.73
C ILE B 149 -27.69 13.44 4.97
N SER B 150 -26.67 13.83 5.74
CA SER B 150 -26.94 14.61 6.94
C SER B 150 -27.53 15.96 6.54
N GLN B 151 -27.01 16.55 5.46
CA GLN B 151 -27.55 17.82 4.98
C GLN B 151 -28.99 17.66 4.55
N SER B 152 -29.30 16.55 3.89
CA SER B 152 -30.68 16.29 3.47
C SER B 152 -31.61 16.01 4.65
N LEU B 153 -31.11 15.38 5.71
CA LEU B 153 -31.99 14.97 6.83
C LEU B 153 -32.15 16.10 7.86
N HIS B 154 -31.17 17.02 7.91
CA HIS B 154 -31.21 18.09 8.94
C HIS B 154 -32.47 18.98 8.79
N PRO B 155 -32.91 19.44 7.59
CA PRO B 155 -34.07 20.32 7.49
C PRO B 155 -35.34 19.65 8.04
N ILE B 156 -35.49 18.35 7.84
CA ILE B 156 -36.75 17.69 8.28
C ILE B 156 -36.85 17.88 9.80
N HIS B 157 -35.78 17.62 10.53
CA HIS B 157 -35.75 17.83 12.00
C HIS B 157 -35.68 19.31 12.38
N TYR B 158 -34.86 20.10 11.67
CA TYR B 158 -34.64 21.52 12.04
C TYR B 158 -34.93 22.45 10.84
N PRO B 159 -36.20 22.70 10.42
CA PRO B 159 -36.46 23.51 9.22
C PRO B 159 -36.05 24.97 9.34
N HIS B 160 -36.02 25.54 10.54
CA HIS B 160 -35.74 26.96 10.71
C HIS B 160 -34.33 27.20 11.25
N SER B 161 -33.49 26.17 11.25
CA SER B 161 -32.10 26.25 11.68
C SER B 161 -31.15 25.88 10.54
N LYS B 162 -29.97 26.49 10.53
CA LYS B 162 -29.02 26.18 9.47
C LYS B 162 -28.23 24.95 9.90
N PHE B 163 -27.67 24.25 8.92
CA PHE B 163 -26.83 23.09 9.21
C PHE B 163 -25.71 23.53 10.16
N PRO B 164 -25.60 22.94 11.35
CA PRO B 164 -24.66 23.46 12.37
C PRO B 164 -23.18 23.13 12.24
N PHE B 165 -22.75 22.27 11.32
CA PHE B 165 -21.34 21.88 11.30
C PHE B 165 -20.64 22.22 9.99
N SER B 166 -21.20 23.10 9.16
CA SER B 166 -20.53 23.48 7.91
C SER B 166 -20.98 24.88 7.47
N GLU B 167 -20.14 25.51 6.66
CA GLU B 167 -20.50 26.79 6.05
C GLU B 167 -21.09 26.60 4.66
N PHE B 168 -21.18 25.36 4.19
CA PHE B 168 -21.60 25.07 2.83
C PHE B 168 -23.01 25.57 2.51
N VAL B 169 -23.17 26.17 1.34
CA VAL B 169 -24.48 26.57 0.86
C VAL B 169 -24.71 25.93 -0.51
N LEU B 170 -25.81 25.20 -0.62
CA LEU B 170 -26.14 24.57 -1.90
C LEU B 170 -26.56 25.67 -2.87
N HIS B 171 -26.02 25.65 -4.07
CA HIS B 171 -26.38 26.61 -5.11
C HIS B 171 -27.83 26.39 -5.53
N ASN B 172 -28.47 27.47 -6.00
CA ASN B 172 -29.89 27.48 -6.37
C ASN B 172 -30.21 26.45 -7.43
N HIS B 173 -29.27 26.22 -8.34
CA HIS B 173 -29.48 25.26 -9.46
C HIS B 173 -29.96 23.93 -8.89
N TRP B 174 -29.20 23.35 -7.96
CA TRP B 174 -29.57 22.05 -7.35
C TRP B 174 -30.84 22.16 -6.48
N LYS B 175 -31.01 23.28 -5.76
CA LYS B 175 -32.22 23.48 -4.94
C LYS B 175 -33.45 23.49 -5.85
N ALA B 176 -33.35 24.14 -7.01
CA ALA B 176 -34.46 24.17 -8.00
C ALA B 176 -34.72 22.75 -8.53
N MET B 177 -33.68 21.94 -8.68
CA MET B 177 -33.85 20.58 -9.27
C MET B 177 -34.82 19.74 -8.40
N THR B 186 -42.46 18.02 -4.44
CA THR B 186 -43.48 17.12 -5.03
C THR B 186 -43.59 15.84 -4.20
N GLU B 187 -44.74 15.16 -4.27
CA GLU B 187 -44.97 13.92 -3.48
C GLU B 187 -43.97 12.84 -3.92
N ARG B 188 -43.69 12.77 -5.23
CA ARG B 188 -42.77 11.71 -5.75
C ARG B 188 -41.37 11.89 -5.15
N THR B 189 -40.88 13.13 -5.02
CA THR B 189 -39.56 13.38 -4.40
C THR B 189 -39.57 12.93 -2.93
N ARG B 190 -40.66 13.22 -2.22
CA ARG B 190 -40.76 12.81 -0.80
C ARG B 190 -40.73 11.28 -0.72
N LYS B 191 -41.46 10.60 -1.61
CA LYS B 191 -41.51 9.11 -1.59
C LYS B 191 -40.11 8.55 -1.87
N ARG B 192 -39.38 9.16 -2.82
CA ARG B 192 -38.02 8.70 -3.16
C ARG B 192 -37.12 8.88 -1.94
N GLY B 193 -37.23 10.02 -1.26
CA GLY B 193 -36.43 10.25 -0.04
C GLY B 193 -36.79 9.27 1.06
N GLU B 194 -38.09 8.98 1.23
CA GLU B 194 -38.55 8.04 2.28
C GLU B 194 -38.00 6.64 1.99
N ALA B 195 -38.00 6.22 0.72
CA ALA B 195 -37.48 4.90 0.35
C ALA B 195 -35.98 4.81 0.67
N PHE B 196 -35.23 5.86 0.35
CA PHE B 196 -33.77 5.87 0.63
C PHE B 196 -33.55 5.80 2.14
N LEU B 197 -34.30 6.60 2.91
CA LEU B 197 -34.09 6.66 4.38
C LEU B 197 -34.51 5.31 4.97
N TYR B 198 -35.53 4.68 4.40
CA TYR B 198 -36.00 3.40 4.94
C TYR B 198 -34.87 2.38 4.86
N CYS B 199 -34.11 2.39 3.74
CA CYS B 199 -33.01 1.40 3.63
C CYS B 199 -32.00 1.60 4.77
N LEU B 200 -31.69 2.85 5.13
CA LEU B 200 -30.78 3.03 6.26
C LEU B 200 -31.46 2.67 7.57
N HIS B 201 -32.69 3.14 7.75
CA HIS B 201 -33.40 2.94 9.01
C HIS B 201 -33.65 1.45 9.26
N ALA B 202 -33.96 0.68 8.21
CA ALA B 202 -34.26 -0.74 8.38
C ALA B 202 -33.04 -1.59 8.69
N SER B 203 -31.82 -1.05 8.52
CA SER B 203 -30.61 -1.84 8.68
C SER B 203 -30.56 -2.41 10.10
N CYS B 204 -30.05 -3.63 10.21
CA CYS B 204 -29.98 -4.31 11.49
C CYS B 204 -28.75 -3.78 12.23
N SER B 205 -28.98 -3.11 13.36
CA SER B 205 -27.95 -2.65 14.31
C SER B 205 -27.11 -1.46 13.87
N VAL B 206 -26.50 -1.52 12.68
CA VAL B 206 -25.58 -0.48 12.23
C VAL B 206 -25.84 -0.21 10.77
N ILE B 207 -25.34 0.95 10.33
CA ILE B 207 -25.29 1.33 8.92
C ILE B 207 -23.81 1.42 8.55
N LEU B 208 -23.40 0.74 7.49
CA LEU B 208 -22.02 0.80 7.01
C LEU B 208 -21.91 1.93 6.00
N ILE B 209 -20.87 2.75 6.10
CA ILE B 209 -20.75 3.84 5.13
C ILE B 209 -19.33 3.94 4.59
N ASN B 210 -19.22 4.26 3.30
CA ASN B 210 -17.94 4.40 2.62
C ASN B 210 -17.36 5.79 2.89
N SER B 211 -16.90 6.01 4.13
CA SER B 211 -16.28 7.31 4.43
C SER B 211 -15.27 7.11 5.54
N PHE B 212 -14.61 8.21 5.96
CA PHE B 212 -13.59 8.13 7.02
C PHE B 212 -13.69 9.33 7.98
N ARG B 213 -13.31 9.10 9.25
CA ARG B 213 -13.52 10.11 10.31
C ARG B 213 -12.79 11.42 10.06
N GLU B 214 -11.59 11.38 9.50
CA GLU B 214 -10.81 12.61 9.28
C GLU B 214 -11.55 13.58 8.37
N LEU B 215 -12.35 13.04 7.45
CA LEU B 215 -13.10 13.90 6.53
C LEU B 215 -14.53 14.17 6.98
N GLU B 216 -15.22 13.17 7.55
CA GLU B 216 -16.65 13.32 7.79
C GLU B 216 -17.06 12.89 9.20
N GLY B 217 -16.13 12.84 10.16
CA GLY B 217 -16.50 12.33 11.47
C GLY B 217 -17.64 13.08 12.15
N LYS B 218 -17.62 14.42 12.11
CA LYS B 218 -18.70 15.19 12.76
C LYS B 218 -20.03 14.95 12.07
N TYR B 219 -20.02 14.83 10.73
CA TYR B 219 -21.23 14.53 9.97
C TYR B 219 -21.77 13.13 10.27
N MET B 220 -20.88 12.12 10.41
CA MET B 220 -21.34 10.76 10.71
C MET B 220 -22.01 10.75 12.07
N ASP B 221 -21.40 11.40 13.06
CA ASP B 221 -21.99 11.42 14.40
C ASP B 221 -23.35 12.12 14.37
N TYR B 222 -23.47 13.21 13.61
CA TYR B 222 -24.76 13.91 13.51
C TYR B 222 -25.81 12.99 12.87
N LEU B 223 -25.45 12.27 11.81
CA LEU B 223 -26.40 11.39 11.15
C LEU B 223 -26.84 10.31 12.10
N SER B 224 -25.90 9.80 12.90
CA SER B 224 -26.20 8.75 13.84
C SER B 224 -27.23 9.25 14.87
N VAL B 225 -27.09 10.49 15.32
CA VAL B 225 -28.06 11.06 16.27
C VAL B 225 -29.44 11.20 15.60
N LEU B 226 -29.47 11.75 14.39
CA LEU B 226 -30.74 11.98 13.69
C LEU B 226 -31.46 10.68 13.41
N LEU B 227 -30.72 9.64 13.03
CA LEU B 227 -31.37 8.36 12.72
C LEU B 227 -31.50 7.46 13.94
N ASN B 228 -30.87 7.82 15.07
CA ASN B 228 -30.84 6.95 16.24
C ASN B 228 -30.31 5.57 15.87
N LYS B 229 -29.24 5.54 15.05
CA LYS B 229 -28.63 4.29 14.59
C LYS B 229 -27.11 4.46 14.55
N LYS B 230 -26.37 3.44 14.95
CA LYS B 230 -24.91 3.50 14.84
C LYS B 230 -24.46 3.54 13.38
N VAL B 231 -23.57 4.47 13.06
CA VAL B 231 -22.98 4.61 11.71
C VAL B 231 -21.54 4.13 11.82
N VAL B 232 -21.17 3.16 10.99
CA VAL B 232 -19.84 2.59 11.06
C VAL B 232 -19.11 2.90 9.77
N PRO B 233 -18.04 3.69 9.80
CA PRO B 233 -17.26 3.93 8.58
C PRO B 233 -16.39 2.72 8.20
N VAL B 234 -16.32 2.45 6.88
CA VAL B 234 -15.47 1.37 6.37
C VAL B 234 -14.57 1.89 5.25
N GLY B 235 -14.52 3.20 5.06
CA GLY B 235 -13.77 3.77 3.95
C GLY B 235 -12.42 4.34 4.35
N PRO B 236 -11.68 4.85 3.37
CA PRO B 236 -12.06 4.84 1.94
C PRO B 236 -11.84 3.49 1.26
N LEU B 237 -12.73 3.13 0.36
CA LEU B 237 -12.63 1.89 -0.41
C LEU B 237 -12.14 2.27 -1.81
N VAL B 238 -10.87 2.12 -2.08
CA VAL B 238 -10.28 2.58 -3.33
C VAL B 238 -9.66 1.41 -4.02
N TYR B 239 -10.05 1.20 -5.27
CA TYR B 239 -9.50 0.12 -6.07
C TYR B 239 -8.16 0.53 -6.67
N GLU B 240 -7.17 -0.34 -6.56
CA GLU B 240 -5.89 -0.09 -7.21
C GLU B 240 -5.55 -1.27 -8.08
N PRO B 241 -5.35 -1.04 -9.38
CA PRO B 241 -5.01 -2.13 -10.31
C PRO B 241 -3.57 -2.58 -10.09
N ASN B 242 -3.27 -3.77 -10.61
CA ASN B 242 -1.87 -4.21 -10.59
C ASN B 242 -1.06 -3.27 -11.46
N ASP B 247 -4.99 -4.69 -20.19
CA ASP B 247 -4.40 -3.45 -20.68
C ASP B 247 -5.36 -2.28 -20.55
N GLU B 248 -6.57 -2.45 -21.13
CA GLU B 248 -7.64 -1.46 -21.12
C GLU B 248 -7.26 -0.20 -21.91
N GLY B 249 -6.30 -0.31 -22.82
CA GLY B 249 -5.82 0.83 -23.56
C GLY B 249 -4.75 1.65 -22.86
N TYR B 250 -4.22 1.16 -21.73
CA TYR B 250 -3.27 1.97 -20.95
C TYR B 250 -1.92 2.13 -21.64
N SER B 251 -1.48 1.18 -22.47
CA SER B 251 -0.12 1.25 -22.96
C SER B 251 0.09 2.54 -23.76
N SER B 252 -0.82 2.81 -24.69
CA SER B 252 -0.77 4.03 -25.47
C SER B 252 -0.86 5.25 -24.56
N ILE B 253 -1.81 5.26 -23.62
CA ILE B 253 -1.98 6.39 -22.72
C ILE B 253 -0.72 6.60 -21.89
N LYS B 254 -0.11 5.51 -21.41
CA LYS B 254 1.08 5.66 -20.58
C LYS B 254 2.20 6.32 -21.39
N ASN B 255 2.37 5.88 -22.63
CA ASN B 255 3.43 6.41 -23.46
C ASN B 255 3.24 7.90 -23.66
N TRP B 256 1.99 8.33 -23.86
CA TRP B 256 1.68 9.76 -24.02
C TRP B 256 1.98 10.53 -22.74
N LEU B 257 1.55 9.97 -21.60
CA LEU B 257 1.76 10.63 -20.31
C LEU B 257 3.24 10.71 -19.99
N ASP B 258 4.02 9.68 -20.36
CA ASP B 258 5.44 9.65 -20.01
C ASP B 258 6.20 10.82 -20.65
N LYS B 259 5.65 11.38 -21.73
CA LYS B 259 6.31 12.43 -22.46
C LYS B 259 5.94 13.82 -21.98
N LYS B 260 5.09 13.92 -20.96
CA LYS B 260 4.69 15.17 -20.35
C LYS B 260 5.58 15.48 -19.15
N GLU B 261 5.54 16.74 -18.71
CA GLU B 261 6.25 17.18 -17.54
C GLU B 261 5.51 16.71 -16.27
N PRO B 262 6.20 16.64 -15.14
CA PRO B 262 5.53 16.20 -13.91
C PRO B 262 4.36 17.11 -13.52
N SER B 263 3.24 16.49 -13.10
CA SER B 263 2.06 17.19 -12.58
C SER B 263 1.55 18.26 -13.55
N SER B 264 1.53 17.92 -14.84
CA SER B 264 1.14 18.92 -15.87
C SER B 264 -0.14 18.51 -16.60
N THR B 265 -0.69 17.35 -16.26
CA THR B 265 -1.87 16.83 -17.03
C THR B 265 -3.10 16.75 -16.13
N VAL B 266 -4.26 17.13 -16.67
CA VAL B 266 -5.53 16.98 -15.89
C VAL B 266 -6.35 15.84 -16.51
N PHE B 267 -6.88 14.96 -15.67
CA PHE B 267 -7.79 13.90 -16.17
C PHE B 267 -9.21 14.48 -16.09
N VAL B 268 -9.99 14.35 -17.16
CA VAL B 268 -11.38 14.89 -17.17
C VAL B 268 -12.36 13.72 -17.29
N SER B 269 -13.25 13.56 -16.30
CA SER B 269 -14.26 12.47 -16.35
C SER B 269 -15.54 12.91 -15.64
N PHE B 270 -16.69 12.45 -16.15
CA PHE B 270 -17.99 12.78 -15.51
C PHE B 270 -18.66 11.49 -15.03
N GLY B 271 -17.86 10.45 -14.78
CA GLY B 271 -18.41 9.21 -14.21
C GLY B 271 -19.01 8.27 -15.24
N SER B 272 -19.73 7.24 -14.77
CA SER B 272 -20.28 6.21 -15.68
C SER B 272 -21.77 6.42 -15.95
N GLU B 273 -22.44 7.33 -15.24
CA GLU B 273 -23.90 7.46 -15.40
C GLU B 273 -24.33 8.89 -15.77
N TYR B 274 -23.42 9.73 -16.26
CA TYR B 274 -23.85 11.08 -16.67
C TYR B 274 -23.26 11.49 -18.02
N PHE B 275 -24.09 12.12 -18.87
CA PHE B 275 -23.56 12.65 -20.15
C PHE B 275 -23.80 14.16 -20.14
N PRO B 276 -22.73 15.01 -20.10
CA PRO B 276 -22.90 16.46 -20.13
C PRO B 276 -23.56 16.93 -21.44
N SER B 277 -24.31 18.03 -21.37
CA SER B 277 -24.96 18.59 -22.57
C SER B 277 -23.88 19.21 -23.47
N LYS B 278 -24.25 19.53 -24.71
CA LYS B 278 -23.27 20.11 -25.66
C LYS B 278 -22.77 21.44 -25.07
N GLU B 279 -23.68 22.20 -24.44
CA GLU B 279 -23.32 23.51 -23.85
C GLU B 279 -22.31 23.31 -22.72
N GLU B 280 -22.53 22.30 -21.87
CA GLU B 280 -21.59 21.99 -20.76
C GLU B 280 -20.24 21.57 -21.34
N MET B 281 -20.24 20.74 -22.38
CA MET B 281 -18.97 20.27 -23.02
C MET B 281 -18.24 21.49 -23.59
N GLU B 282 -18.99 22.42 -24.19
CA GLU B 282 -18.38 23.65 -24.76
C GLU B 282 -17.64 24.41 -23.66
N GLU B 283 -18.28 24.64 -22.51
CA GLU B 283 -17.65 25.42 -21.44
C GLU B 283 -16.40 24.72 -20.92
N ILE B 284 -16.47 23.39 -20.72
CA ILE B 284 -15.30 22.66 -20.26
C ILE B 284 -14.18 22.69 -21.30
N ALA B 285 -14.54 22.52 -22.58
CA ALA B 285 -13.52 22.49 -23.64
C ALA B 285 -12.81 23.83 -23.72
N HIS B 286 -13.57 24.92 -23.71
CA HIS B 286 -12.97 26.24 -23.78
C HIS B 286 -12.11 26.53 -22.56
N GLY B 287 -12.54 26.07 -21.38
CA GLY B 287 -11.71 26.25 -20.19
C GLY B 287 -10.39 25.52 -20.29
N LEU B 288 -10.43 24.30 -20.80
CA LEU B 288 -9.22 23.51 -20.99
C LEU B 288 -8.29 24.19 -21.97
N GLU B 289 -8.86 24.68 -23.08
CA GLU B 289 -8.04 25.31 -24.10
C GLU B 289 -7.37 26.56 -23.53
N ALA B 290 -8.15 27.41 -22.85
CA ALA B 290 -7.62 28.67 -22.32
C ALA B 290 -6.53 28.44 -21.29
N SER B 291 -6.68 27.41 -20.44
CA SER B 291 -5.65 27.11 -19.43
C SER B 291 -4.32 26.69 -20.05
N GLU B 292 -4.35 26.07 -21.23
CA GLU B 292 -3.18 25.55 -21.94
C GLU B 292 -2.62 24.29 -21.27
N VAL B 293 -3.40 23.65 -20.43
CA VAL B 293 -2.97 22.44 -19.72
C VAL B 293 -2.96 21.23 -20.67
N ASN B 294 -2.19 20.20 -20.30
CA ASN B 294 -2.29 18.91 -20.98
C ASN B 294 -3.53 18.22 -20.39
N PHE B 295 -4.28 17.48 -21.21
CA PHE B 295 -5.49 16.85 -20.67
C PHE B 295 -5.80 15.52 -21.34
N ILE B 296 -6.42 14.63 -20.56
CA ILE B 296 -7.01 13.39 -21.07
C ILE B 296 -8.46 13.47 -20.68
N TRP B 297 -9.36 13.47 -21.67
CA TRP B 297 -10.79 13.66 -21.43
C TRP B 297 -11.56 12.44 -21.91
N VAL B 298 -12.31 11.81 -21.02
CA VAL B 298 -13.14 10.66 -21.41
C VAL B 298 -14.47 11.21 -21.90
N VAL B 299 -14.80 10.92 -23.15
CA VAL B 299 -16.06 11.39 -23.74
C VAL B 299 -16.89 10.15 -24.07
N ARG B 300 -18.17 10.16 -23.70
CA ARG B 300 -19.08 9.00 -23.82
C ARG B 300 -20.40 9.36 -24.47
N PHE B 301 -21.06 8.34 -25.03
CA PHE B 301 -22.40 8.54 -25.64
C PHE B 301 -23.32 7.43 -25.12
N PRO B 302 -24.65 7.67 -24.98
CA PRO B 302 -25.54 6.68 -24.41
C PRO B 302 -25.47 5.42 -25.26
N GLN B 303 -25.64 4.27 -24.60
CA GLN B 303 -25.66 3.00 -25.35
C GLN B 303 -26.80 3.10 -26.35
N GLY B 304 -26.59 2.66 -27.58
CA GLY B 304 -27.64 2.81 -28.60
C GLY B 304 -27.48 4.07 -29.43
N ASP B 305 -26.32 4.74 -29.36
CA ASP B 305 -26.19 6.02 -30.10
C ASP B 305 -24.97 6.01 -31.04
N ASN B 306 -25.07 5.31 -32.18
CA ASN B 306 -24.00 5.36 -33.23
C ASN B 306 -23.99 6.72 -33.92
N THR B 307 -25.14 7.39 -34.02
CA THR B 307 -25.24 8.67 -34.77
C THR B 307 -24.32 9.73 -34.17
N SER B 308 -24.20 9.78 -32.84
CA SER B 308 -23.42 10.84 -32.16
C SER B 308 -21.91 10.68 -32.41
N GLY B 309 -21.17 11.80 -32.38
CA GLY B 309 -19.71 11.75 -32.59
C GLY B 309 -18.96 12.78 -31.75
N ILE B 310 -17.70 12.52 -31.41
CA ILE B 310 -16.91 13.43 -30.53
C ILE B 310 -16.70 14.81 -31.18
N GLU B 311 -16.46 14.86 -32.49
CA GLU B 311 -16.29 16.14 -33.20
C GLU B 311 -17.59 16.94 -33.06
N ASP B 312 -18.74 16.28 -33.18
CA ASP B 312 -20.05 16.94 -32.97
C ASP B 312 -20.21 17.35 -31.52
N ALA B 313 -19.82 16.50 -30.56
CA ALA B 313 -19.94 16.80 -29.11
C ALA B 313 -19.04 17.95 -28.70
N LEU B 314 -17.84 18.03 -29.28
CA LEU B 314 -16.86 19.05 -28.87
C LEU B 314 -16.95 20.29 -29.79
N PRO B 315 -16.51 21.49 -29.36
CA PRO B 315 -16.51 22.66 -30.25
C PRO B 315 -15.65 22.39 -31.49
N LYS B 316 -16.02 23.01 -32.61
CA LYS B 316 -15.31 22.75 -33.86
C LYS B 316 -13.86 23.17 -33.74
N GLY B 317 -12.94 22.30 -34.16
CA GLY B 317 -11.51 22.58 -34.20
C GLY B 317 -10.82 22.53 -32.86
N PHE B 318 -11.56 22.22 -31.80
CA PHE B 318 -10.98 22.21 -30.43
C PHE B 318 -9.80 21.23 -30.33
N LEU B 319 -10.03 19.97 -30.70
CA LEU B 319 -8.96 18.94 -30.56
C LEU B 319 -7.78 19.30 -31.46
N GLU B 320 -8.05 19.77 -32.67
CA GLU B 320 -6.98 20.17 -33.62
C GLU B 320 -6.12 21.26 -32.97
N ARG B 321 -6.76 22.27 -32.38
CA ARG B 321 -6.00 23.37 -31.80
C ARG B 321 -5.18 22.87 -30.62
N ALA B 322 -5.76 21.99 -29.80
CA ALA B 322 -5.05 21.50 -28.61
C ALA B 322 -3.77 20.77 -29.01
N GLY B 323 -3.78 20.10 -30.16
CA GLY B 323 -2.59 19.38 -30.60
C GLY B 323 -2.16 18.27 -29.65
N GLU B 324 -0.86 18.21 -29.39
CA GLU B 324 -0.42 17.08 -28.59
C GLU B 324 -0.72 17.31 -27.11
N ARG B 325 -1.17 18.51 -26.77
CA ARG B 325 -1.59 18.77 -25.38
C ARG B 325 -2.82 17.97 -24.98
N GLY B 326 -3.69 17.62 -25.92
CA GLY B 326 -4.95 16.98 -25.60
C GLY B 326 -5.13 15.57 -26.13
N MET B 327 -5.82 14.75 -25.34
CA MET B 327 -6.18 13.41 -25.77
C MET B 327 -7.63 13.17 -25.35
N VAL B 328 -8.46 12.70 -26.27
CA VAL B 328 -9.82 12.35 -25.93
C VAL B 328 -9.91 10.83 -25.96
N VAL B 329 -10.40 10.23 -24.88
CA VAL B 329 -10.57 8.78 -24.85
C VAL B 329 -12.06 8.50 -24.98
N LYS B 330 -12.44 7.69 -25.96
CA LYS B 330 -13.86 7.43 -26.16
C LYS B 330 -14.32 6.30 -25.26
N GLY B 331 -15.44 6.52 -24.59
CA GLY B 331 -16.07 5.50 -23.79
C GLY B 331 -15.59 5.24 -22.38
N TRP B 332 -14.33 4.83 -22.20
CA TRP B 332 -13.87 4.42 -20.89
C TRP B 332 -12.36 4.54 -20.85
N ALA B 333 -11.82 4.87 -19.68
CA ALA B 333 -10.38 4.99 -19.49
C ALA B 333 -9.97 4.32 -18.20
N PRO B 334 -8.67 3.97 -18.05
CA PRO B 334 -8.11 3.43 -16.78
C PRO B 334 -7.86 4.60 -15.83
N GLN B 335 -8.94 5.04 -15.16
CA GLN B 335 -8.89 6.23 -14.33
C GLN B 335 -7.84 6.13 -13.24
N ALA B 336 -7.79 5.00 -12.51
CA ALA B 336 -6.85 4.90 -11.38
C ALA B 336 -5.43 4.97 -11.89
N LYS B 337 -5.13 4.24 -12.99
CA LYS B 337 -3.75 4.26 -13.48
C LYS B 337 -3.38 5.68 -13.90
N ILE B 338 -4.30 6.38 -14.57
CA ILE B 338 -4.01 7.75 -14.98
C ILE B 338 -3.80 8.64 -13.77
N LEU B 339 -4.67 8.50 -12.76
CA LEU B 339 -4.55 9.37 -11.60
C LEU B 339 -3.22 9.16 -10.89
N LYS B 340 -2.71 7.92 -10.87
CA LYS B 340 -1.45 7.63 -10.20
C LYS B 340 -0.20 8.04 -10.98
N HIS B 341 -0.33 8.38 -12.26
CA HIS B 341 0.83 8.77 -13.06
C HIS B 341 1.46 10.06 -12.55
N TRP B 342 2.79 10.09 -12.59
CA TRP B 342 3.57 11.25 -12.14
C TRP B 342 3.21 12.50 -12.95
N SER B 343 2.79 12.32 -14.21
CA SER B 343 2.42 13.47 -15.04
C SER B 343 1.07 14.08 -14.67
N THR B 344 0.25 13.43 -13.87
CA THR B 344 -1.09 13.94 -13.56
C THR B 344 -1.03 14.94 -12.40
N GLY B 345 -1.49 16.19 -12.65
CA GLY B 345 -1.47 17.21 -11.63
C GLY B 345 -2.84 17.66 -11.15
N GLY B 346 -3.90 17.22 -11.82
CA GLY B 346 -5.24 17.58 -11.40
C GLY B 346 -6.28 16.66 -11.97
N PHE B 347 -7.47 16.72 -11.39
CA PHE B 347 -8.61 15.93 -11.85
C PHE B 347 -9.82 16.85 -11.98
N VAL B 348 -10.27 17.08 -13.21
CA VAL B 348 -11.53 17.79 -13.45
C VAL B 348 -12.63 16.74 -13.37
N SER B 349 -13.38 16.74 -12.27
CA SER B 349 -14.29 15.65 -11.97
C SER B 349 -15.71 16.10 -11.66
N HIS B 350 -16.68 15.22 -11.93
CA HIS B 350 -18.06 15.49 -11.56
C HIS B 350 -18.25 15.28 -10.07
N CYS B 351 -17.22 14.80 -9.38
CA CYS B 351 -17.25 14.65 -7.93
C CYS B 351 -18.15 13.50 -7.50
N GLY B 352 -18.25 12.45 -8.33
CA GLY B 352 -18.85 11.22 -7.85
C GLY B 352 -17.97 10.71 -6.71
N TRP B 353 -18.56 10.07 -5.70
CA TRP B 353 -17.80 9.73 -4.48
C TRP B 353 -16.59 8.84 -4.73
N ASN B 354 -16.73 7.82 -5.57
CA ASN B 354 -15.56 6.97 -5.77
C ASN B 354 -14.42 7.78 -6.37
N SER B 355 -14.75 8.67 -7.31
CA SER B 355 -13.70 9.49 -7.94
C SER B 355 -13.06 10.42 -6.91
N VAL B 356 -13.87 10.98 -6.01
CA VAL B 356 -13.31 11.85 -4.97
C VAL B 356 -12.38 11.04 -4.08
N MET B 357 -12.82 9.83 -3.67
CA MET B 357 -12.00 9.01 -2.75
C MET B 357 -10.72 8.61 -3.44
N GLU B 358 -10.82 8.26 -4.71
CA GLU B 358 -9.62 7.86 -5.48
C GLU B 358 -8.64 9.03 -5.58
N SER B 359 -9.17 10.20 -5.91
CA SER B 359 -8.28 11.34 -6.08
C SER B 359 -7.59 11.67 -4.74
N MET B 360 -8.32 11.56 -3.63
CA MET B 360 -7.74 11.83 -2.32
C MET B 360 -6.69 10.79 -1.97
N MET B 361 -6.97 9.52 -2.28
CA MET B 361 -6.00 8.47 -1.93
C MET B 361 -4.71 8.68 -2.73
N PHE B 362 -4.85 9.10 -3.98
CA PHE B 362 -3.72 9.22 -4.89
C PHE B 362 -3.06 10.60 -4.80
N GLY B 363 -3.59 11.51 -3.99
CA GLY B 363 -3.01 12.84 -3.86
C GLY B 363 -3.22 13.78 -5.04
N VAL B 364 -4.26 13.59 -5.84
CA VAL B 364 -4.49 14.43 -7.01
C VAL B 364 -5.53 15.48 -6.64
N PRO B 365 -5.19 16.78 -6.70
CA PRO B 365 -6.18 17.84 -6.46
C PRO B 365 -7.35 17.79 -7.43
N ILE B 366 -8.54 18.02 -6.88
CA ILE B 366 -9.78 17.98 -7.64
C ILE B 366 -10.22 19.37 -8.06
N ILE B 367 -10.57 19.53 -9.33
CA ILE B 367 -11.21 20.75 -9.81
C ILE B 367 -12.64 20.28 -10.00
N GLY B 368 -13.53 20.67 -9.08
CA GLY B 368 -14.87 20.10 -9.10
C GLY B 368 -15.82 20.73 -10.10
N VAL B 369 -16.47 19.87 -10.88
CA VAL B 369 -17.53 20.31 -11.76
C VAL B 369 -18.71 19.39 -11.48
N PRO B 370 -19.32 19.49 -10.31
CA PRO B 370 -20.43 18.57 -9.98
C PRO B 370 -21.63 18.74 -10.89
N MET B 371 -22.37 17.65 -11.08
CA MET B 371 -23.50 17.66 -12.00
C MET B 371 -24.83 17.49 -11.26
N HIS B 372 -25.02 16.47 -10.40
CA HIS B 372 -26.33 16.31 -9.78
C HIS B 372 -26.20 15.34 -8.59
N VAL B 373 -27.33 15.07 -7.93
CA VAL B 373 -27.43 14.18 -6.76
C VAL B 373 -26.44 14.57 -5.67
N ASP B 374 -25.58 13.64 -5.24
CA ASP B 374 -24.69 13.97 -4.11
C ASP B 374 -23.49 14.79 -4.55
N GLN B 375 -23.27 14.96 -5.85
CA GLN B 375 -22.04 15.60 -6.31
C GLN B 375 -21.81 17.02 -5.80
N PRO B 376 -22.80 17.92 -5.79
CA PRO B 376 -22.52 19.27 -5.27
C PRO B 376 -22.09 19.22 -3.83
N PHE B 377 -22.69 18.34 -3.04
CA PHE B 377 -22.27 18.21 -1.65
C PHE B 377 -20.86 17.72 -1.56
N ASN B 378 -20.52 16.73 -2.38
CA ASN B 378 -19.16 16.20 -2.39
C ASN B 378 -18.18 17.29 -2.78
N ALA B 379 -18.53 18.11 -3.77
CA ALA B 379 -17.65 19.20 -4.18
C ALA B 379 -17.44 20.17 -3.02
N GLY B 380 -18.52 20.49 -2.28
CA GLY B 380 -18.39 21.39 -1.14
C GLY B 380 -17.50 20.81 -0.06
N LEU B 381 -17.58 19.50 0.17
CA LEU B 381 -16.72 18.87 1.17
C LEU B 381 -15.26 18.90 0.73
N VAL B 382 -15.01 18.63 -0.55
CA VAL B 382 -13.64 18.72 -1.08
C VAL B 382 -13.10 20.13 -0.83
N GLU B 383 -13.90 21.13 -1.13
CA GLU B 383 -13.44 22.51 -0.97
C GLU B 383 -13.19 22.85 0.51
N GLU B 384 -14.10 22.43 1.42
CA GLU B 384 -13.87 22.73 2.83
C GLU B 384 -12.65 21.99 3.38
N ALA B 385 -12.34 20.80 2.85
CA ALA B 385 -11.14 20.11 3.33
C ALA B 385 -9.88 20.74 2.78
N GLY B 386 -9.99 21.53 1.73
CA GLY B 386 -8.84 22.17 1.15
C GLY B 386 -8.05 21.31 0.19
N VAL B 387 -8.58 20.16 -0.22
CA VAL B 387 -7.83 19.27 -1.10
C VAL B 387 -8.22 19.49 -2.55
N GLY B 388 -9.11 20.43 -2.80
CA GLY B 388 -9.55 20.70 -4.16
C GLY B 388 -10.32 21.99 -4.15
N VAL B 389 -10.79 22.37 -5.34
CA VAL B 389 -11.51 23.61 -5.53
C VAL B 389 -12.77 23.28 -6.32
N GLU B 390 -13.78 24.14 -6.25
CA GLU B 390 -15.00 23.89 -7.03
C GLU B 390 -15.21 25.02 -8.03
N ALA B 391 -15.42 24.66 -9.30
CA ALA B 391 -15.75 25.66 -10.30
C ALA B 391 -17.22 26.05 -10.09
N LYS B 392 -17.48 27.33 -9.80
CA LYS B 392 -18.83 27.78 -9.46
C LYS B 392 -19.67 27.98 -10.72
N ARG B 393 -20.96 27.67 -10.61
CA ARG B 393 -21.90 27.88 -11.71
C ARG B 393 -22.43 29.30 -11.66
N ASP B 394 -22.91 29.78 -12.81
CA ASP B 394 -23.55 31.10 -12.93
C ASP B 394 -24.90 31.05 -12.22
N PRO B 395 -25.53 32.20 -11.95
CA PRO B 395 -26.83 32.16 -11.27
C PRO B 395 -27.87 31.27 -11.95
N ASP B 396 -27.87 31.17 -13.28
CA ASP B 396 -28.85 30.35 -14.00
C ASP B 396 -28.41 28.89 -14.07
N GLY B 397 -27.27 28.55 -13.47
CA GLY B 397 -26.82 27.17 -13.43
C GLY B 397 -25.86 26.77 -14.51
N LYS B 398 -25.46 27.69 -15.38
CA LYS B 398 -24.45 27.37 -16.40
C LYS B 398 -23.03 27.22 -15.85
N ILE B 399 -22.28 26.28 -16.44
CA ILE B 399 -20.87 26.16 -16.12
C ILE B 399 -20.16 27.34 -16.79
N GLN B 400 -19.07 27.82 -16.18
CA GLN B 400 -18.34 28.96 -16.72
C GLN B 400 -16.97 28.52 -17.22
N ARG B 401 -16.70 28.79 -18.50
CA ARG B 401 -15.40 28.43 -19.05
C ARG B 401 -14.30 29.16 -18.29
N ASP B 402 -14.52 30.43 -17.91
CA ASP B 402 -13.49 31.21 -17.22
C ASP B 402 -13.14 30.62 -15.87
N GLU B 403 -14.15 30.11 -15.16
CA GLU B 403 -13.94 29.47 -13.86
C GLU B 403 -13.10 28.20 -14.01
N VAL B 404 -13.42 27.37 -15.01
CA VAL B 404 -12.67 26.15 -15.22
C VAL B 404 -11.23 26.50 -15.58
N ALA B 405 -11.07 27.46 -16.50
CA ALA B 405 -9.72 27.83 -16.91
C ALA B 405 -8.90 28.45 -15.77
N LYS B 406 -9.50 29.36 -14.98
CA LYS B 406 -8.72 29.97 -13.89
C LYS B 406 -8.25 28.92 -12.89
N LEU B 407 -9.14 27.99 -12.51
CA LEU B 407 -8.83 26.99 -11.51
C LEU B 407 -7.78 26.01 -12.03
N ILE B 408 -7.87 25.60 -13.29
CA ILE B 408 -6.81 24.75 -13.84
C ILE B 408 -5.48 25.49 -13.84
N LYS B 409 -5.51 26.77 -14.22
CA LYS B 409 -4.27 27.54 -14.24
C LYS B 409 -3.67 27.62 -12.84
N GLU B 410 -4.51 27.91 -11.84
CA GLU B 410 -4.01 28.11 -10.48
C GLU B 410 -3.51 26.81 -9.85
N VAL B 411 -4.27 25.74 -10.02
CA VAL B 411 -3.97 24.49 -9.35
C VAL B 411 -2.91 23.68 -10.09
N VAL B 412 -2.92 23.66 -11.43
CA VAL B 412 -2.09 22.73 -12.21
C VAL B 412 -1.00 23.43 -13.00
N VAL B 413 -1.36 24.37 -13.89
CA VAL B 413 -0.38 24.94 -14.82
C VAL B 413 0.62 25.82 -14.09
N GLU B 414 0.14 26.74 -13.27
CA GLU B 414 1.05 27.69 -12.64
C GLU B 414 1.36 27.27 -11.21
N LYS B 415 0.50 26.43 -10.63
CA LYS B 415 0.65 25.90 -9.27
C LYS B 415 0.76 27.02 -8.25
N THR B 416 -0.08 28.04 -8.39
CA THR B 416 -0.09 29.10 -7.38
C THR B 416 -0.89 28.72 -6.15
N ARG B 417 -1.78 27.72 -6.25
CA ARG B 417 -2.51 27.21 -5.08
C ARG B 417 -1.68 26.13 -4.40
N GLU B 418 -0.54 26.55 -3.87
CA GLU B 418 0.33 25.62 -3.17
C GLU B 418 -0.39 25.00 -1.98
N ASP B 419 -1.28 25.76 -1.34
CA ASP B 419 -1.97 25.25 -0.16
C ASP B 419 -2.81 24.01 -0.53
N VAL B 420 -3.49 24.06 -1.67
CA VAL B 420 -4.31 22.93 -2.09
C VAL B 420 -3.44 21.69 -2.38
N ARG B 421 -2.31 21.90 -3.06
CA ARG B 421 -1.45 20.75 -3.41
C ARG B 421 -0.89 20.11 -2.15
N LYS B 422 -0.54 20.93 -1.15
CA LYS B 422 -0.01 20.40 0.11
C LYS B 422 -1.08 19.62 0.85
N LYS B 423 -2.30 20.16 0.93
CA LYS B 423 -3.37 19.46 1.68
C LYS B 423 -3.68 18.12 1.01
N ALA B 424 -3.67 18.13 -0.33
CA ALA B 424 -3.89 16.88 -1.09
C ALA B 424 -2.80 15.86 -0.78
N ARG B 425 -1.55 16.28 -0.71
CA ARG B 425 -0.47 15.35 -0.35
C ARG B 425 -0.66 14.84 1.08
N GLU B 426 -1.02 15.74 2.00
CA GLU B 426 -1.21 15.36 3.40
C GLU B 426 -2.36 14.39 3.57
N MET B 427 -3.45 14.62 2.85
CA MET B 427 -4.58 13.70 2.90
C MET B 427 -4.19 12.32 2.36
N SER B 428 -3.43 12.31 1.26
CA SER B 428 -2.99 11.06 0.68
C SER B 428 -2.12 10.31 1.68
N GLU B 429 -1.28 11.04 2.43
CA GLU B 429 -0.45 10.37 3.44
C GLU B 429 -1.33 9.72 4.53
N ILE B 430 -2.35 10.43 5.01
CA ILE B 430 -3.23 9.85 6.02
C ILE B 430 -3.92 8.61 5.47
N LEU B 431 -4.47 8.71 4.24
CA LEU B 431 -5.24 7.60 3.68
C LEU B 431 -4.33 6.40 3.42
N ARG B 432 -3.10 6.64 2.97
CA ARG B 432 -2.21 5.51 2.68
C ARG B 432 -1.74 4.82 3.97
N SER B 433 -1.74 5.53 5.09
CA SER B 433 -1.35 4.95 6.36
C SER B 433 -2.39 3.97 6.91
N LYS B 434 -3.62 3.97 6.41
CA LYS B 434 -4.68 3.09 6.94
C LYS B 434 -4.48 1.67 6.41
N GLY B 435 -4.73 0.67 7.26
CA GLY B 435 -4.62 -0.71 6.85
C GLY B 435 -5.93 -1.45 7.12
N GLU B 436 -5.82 -2.72 7.49
CA GLU B 436 -7.03 -3.50 7.65
C GLU B 436 -7.78 -3.24 8.95
N GLU B 437 -7.23 -2.43 9.86
CA GLU B 437 -7.98 -2.04 11.05
C GLU B 437 -9.20 -1.18 10.70
N LYS B 438 -9.25 -0.63 9.51
CA LYS B 438 -10.40 0.17 9.11
C LYS B 438 -11.67 -0.68 9.08
N PHE B 439 -11.52 -2.01 9.04
CA PHE B 439 -12.68 -2.93 8.94
C PHE B 439 -13.03 -3.59 10.29
N ASP B 440 -12.24 -3.33 11.34
CA ASP B 440 -12.45 -4.03 12.61
C ASP B 440 -13.84 -3.76 13.17
N GLU B 441 -14.28 -2.49 13.11
CA GLU B 441 -15.58 -2.17 13.71
C GLU B 441 -16.70 -2.93 12.98
N MET B 442 -16.64 -2.96 11.64
CA MET B 442 -17.68 -3.64 10.87
C MET B 442 -17.68 -5.11 11.24
N VAL B 443 -16.48 -5.72 11.29
CA VAL B 443 -16.41 -7.17 11.54
C VAL B 443 -16.98 -7.49 12.92
N ALA B 444 -16.67 -6.65 13.90
CA ALA B 444 -17.18 -6.89 15.25
C ALA B 444 -18.70 -6.78 15.28
N GLU B 445 -19.26 -5.79 14.56
CA GLU B 445 -20.71 -5.65 14.55
C GLU B 445 -21.37 -6.84 13.86
N ILE B 446 -20.77 -7.33 12.76
CA ILE B 446 -21.33 -8.50 12.08
C ILE B 446 -21.32 -9.69 13.02
N SER B 447 -20.23 -9.87 13.74
CA SER B 447 -20.10 -11.00 14.64
C SER B 447 -21.16 -10.94 15.75
N LEU B 448 -21.35 -9.77 16.35
CA LEU B 448 -22.40 -9.66 17.38
C LEU B 448 -23.78 -9.94 16.79
N LEU B 449 -24.09 -9.32 15.65
CA LEU B 449 -25.41 -9.48 15.07
C LEU B 449 -25.69 -10.94 14.78
N LEU B 450 -24.71 -11.66 14.22
CA LEU B 450 -24.91 -13.07 13.91
C LEU B 450 -25.06 -13.93 15.17
N LYS B 451 -24.31 -13.61 16.23
CA LYS B 451 -24.43 -14.36 17.48
C LYS B 451 -25.81 -14.15 18.12
N ILE B 452 -26.34 -12.94 18.04
CA ILE B 452 -27.67 -12.65 18.60
C ILE B 452 -28.75 -13.36 17.80
N GLU B 453 -28.72 -13.20 16.46
CA GLU B 453 -29.79 -13.79 15.64
C GLU B 453 -29.76 -15.31 15.75
N HIS B 454 -28.57 -15.89 15.91
CA HIS B 454 -28.48 -17.33 16.14
C HIS B 454 -29.30 -17.75 17.36
N HIS B 455 -29.18 -17.05 18.48
CA HIS B 455 -30.04 -17.37 19.60
C HIS B 455 -31.52 -17.27 19.22
N HIS B 456 -31.89 -16.19 18.52
CA HIS B 456 -33.29 -15.94 18.21
C HIS B 456 -33.83 -16.93 17.18
N HIS B 457 -32.94 -17.63 16.48
CA HIS B 457 -33.39 -18.65 15.53
C HIS B 457 -32.78 -20.03 15.88
#